data_6SDG
#
_entry.id   6SDG
#
_cell.length_a   162.768
_cell.length_b   79.360
_cell.length_c   79.767
_cell.angle_alpha   90.000
_cell.angle_beta   116.929
_cell.angle_gamma   90.000
#
_symmetry.space_group_name_H-M   'C 1 2 1'
#
loop_
_entity.id
_entity.type
_entity.pdbx_description
1 polymer 'Auxin response factor'
2 polymer 21-7_A
3 polymer 21-7_B
#
loop_
_entity_poly.entity_id
_entity_poly.type
_entity_poly.pdbx_seq_one_letter_code
_entity_poly.pdbx_strand_id
1 'polypeptide(L)'
;MASRQLATSHTAASNVSVAGDDGIDAELWYACAGPQKALPPVGSVVAYLPQGHIEQVASFNNQELDAQIPRYNLPAVIPC
MLNDIQLSADPDSDEVYATLTLCPMSEQHEDSSDCAEPPPPPKRKSRSFTKTLTVSDTSTHGGFSVPRRAADDCLPKLDM
SLNPPNQELVAKDLHGNEWRFRHIFRGQPKRHLLTTGWSVFVSQKRLVAGDAVLFLRGENGQLRVGVRRAPRQQQLQPKV
LTSPTMHIGVLAAAAHAATEKSRFSLIYNPRSCPSEFVIPYSKYLKAVKSNFNVGQRFKMKFESEDPSDRRHTGTITGIC
DFDPARWPGSEWRSLQVNWDESSSSERQERVSPWEVEPGNSYSQSM
;
A,B
2 'polydeoxyribonucleotide'
;(DT)(DT)(DG)(DT)(DC)(DG)(DG)(DC)(DG)(DA)(DT)(DT)(DC)(DG)(DC)(DC)(DG)(DA)(DC)(DA)
(DA)
;
C
3 'polydeoxyribonucleotide'
;(DT)(DT)(DG)(DT)(DC)(DG)(DG)(DC)(DG)(DA)(DA)(DT)(DC)(DG)(DC)(DC)(DG)(DA)(DC)(DA)
(DA)
;
D
#
loop_
_chem_comp.id
_chem_comp.type
_chem_comp.name
_chem_comp.formula
DA DNA linking 2'-DEOXYADENOSINE-5'-MONOPHOSPHATE 'C10 H14 N5 O6 P'
DC DNA linking 2'-DEOXYCYTIDINE-5'-MONOPHOSPHATE 'C9 H14 N3 O7 P'
DG DNA linking 2'-DEOXYGUANOSINE-5'-MONOPHOSPHATE 'C10 H14 N5 O7 P'
DT DNA linking THYMIDINE-5'-MONOPHOSPHATE 'C10 H15 N2 O8 P'
#
# COMPACT_ATOMS: atom_id res chain seq x y z
N ILE A 24 -13.60 1.56 16.23
CA ILE A 24 -12.56 2.58 16.28
C ILE A 24 -13.16 3.93 16.80
N ASP A 25 -12.39 4.72 17.60
CA ASP A 25 -12.85 5.99 18.21
C ASP A 25 -12.94 7.12 17.18
N ALA A 26 -14.05 7.84 17.19
CA ALA A 26 -14.22 8.99 16.30
C ALA A 26 -13.13 10.01 16.54
N GLU A 27 -12.98 10.42 17.79
CA GLU A 27 -12.10 11.54 18.07
C GLU A 27 -10.64 11.24 17.76
N LEU A 28 -10.18 10.03 18.10
CA LEU A 28 -8.79 9.70 17.80
C LEU A 28 -8.56 9.60 16.30
N TRP A 29 -9.51 9.01 15.58
CA TRP A 29 -9.36 8.89 14.13
C TRP A 29 -9.36 10.26 13.45
N TYR A 30 -10.13 11.22 13.96
CA TYR A 30 -10.14 12.53 13.30
C TYR A 30 -8.87 13.32 13.55
N ALA A 31 -8.41 13.36 14.79
CA ALA A 31 -7.20 14.12 15.08
C ALA A 31 -6.00 13.55 14.34
N CYS A 32 -5.90 12.21 14.29
CA CYS A 32 -4.84 11.53 13.53
C CYS A 32 -4.90 11.88 12.06
N ALA A 33 -6.11 12.00 11.52
CA ALA A 33 -6.29 12.34 10.12
C ALA A 33 -5.78 13.75 9.83
N GLY A 34 -6.50 14.75 10.31
CA GLY A 34 -6.13 16.11 10.05
C GLY A 34 -6.87 17.07 10.94
N PRO A 35 -6.20 18.15 11.31
CA PRO A 35 -6.85 19.22 12.06
C PRO A 35 -7.92 19.90 11.20
N GLN A 36 -9.02 20.30 11.85
CA GLN A 36 -10.13 21.00 11.20
C GLN A 36 -10.56 20.23 9.96
N LYS A 37 -10.62 18.91 10.10
CA LYS A 37 -11.01 18.01 9.03
C LYS A 37 -12.17 17.16 9.54
N ALA A 38 -13.30 17.21 8.83
CA ALA A 38 -14.49 16.49 9.23
C ALA A 38 -15.14 15.88 8.00
N LEU A 39 -15.91 14.84 8.25
CA LEU A 39 -16.65 14.17 7.21
C LEU A 39 -18.12 14.51 7.32
N PRO A 40 -18.90 14.27 6.25
CA PRO A 40 -20.35 14.55 6.28
C PRO A 40 -21.13 13.53 7.09
N PRO A 41 -22.34 13.89 7.52
CA PRO A 41 -23.19 12.97 8.29
C PRO A 41 -23.79 11.88 7.41
N VAL A 42 -23.76 10.62 7.92
CA VAL A 42 -24.29 9.47 7.18
C VAL A 42 -25.82 9.55 7.13
N GLY A 43 -26.36 9.22 5.95
CA GLY A 43 -27.77 9.38 5.67
C GLY A 43 -28.14 10.67 4.98
N SER A 44 -27.20 11.61 4.85
CA SER A 44 -27.38 12.95 4.29
C SER A 44 -26.89 13.01 2.85
N VAL A 45 -27.39 14.00 2.10
CA VAL A 45 -26.99 14.14 0.71
C VAL A 45 -25.74 14.98 0.61
N VAL A 46 -24.82 14.51 -0.24
CA VAL A 46 -23.48 15.07 -0.37
C VAL A 46 -23.13 15.17 -1.84
N ALA A 47 -22.28 16.15 -2.19
CA ALA A 47 -21.79 16.33 -3.56
C ALA A 47 -20.53 15.48 -3.80
N TYR A 48 -20.61 14.40 -4.59
CA TYR A 48 -19.41 13.63 -4.88
C TYR A 48 -18.77 14.22 -6.13
N LEU A 49 -17.47 14.49 -6.07
CA LEU A 49 -16.80 15.32 -7.04
C LEU A 49 -15.70 14.53 -7.68
N PRO A 50 -15.95 13.84 -8.80
CA PRO A 50 -14.94 12.91 -9.33
C PRO A 50 -13.57 13.55 -9.45
N GLN A 51 -13.50 14.82 -9.85
CA GLN A 51 -12.21 15.48 -10.08
C GLN A 51 -11.28 15.40 -8.88
N GLY A 52 -11.83 15.50 -7.68
CA GLY A 52 -11.01 15.43 -6.50
C GLY A 52 -10.60 14.02 -6.12
N HIS A 53 -11.41 13.02 -6.45
CA HIS A 53 -11.03 11.64 -6.15
C HIS A 53 -9.80 11.27 -6.97
N ILE A 54 -9.84 11.58 -8.26
CA ILE A 54 -8.76 11.60 -9.21
C ILE A 54 -7.52 12.28 -8.64
N GLU A 55 -7.67 13.49 -8.09
CA GLU A 55 -6.51 14.14 -7.50
C GLU A 55 -5.95 13.27 -6.39
N GLN A 56 -6.81 12.68 -5.59
CA GLN A 56 -6.34 11.80 -4.54
C GLN A 56 -5.53 10.65 -5.13
N VAL A 57 -6.10 9.93 -6.10
CA VAL A 57 -5.40 8.80 -6.70
C VAL A 57 -4.06 9.24 -7.33
N ALA A 58 -3.97 10.43 -7.93
CA ALA A 58 -2.68 10.92 -8.47
C ALA A 58 -1.68 11.30 -7.37
N SER A 59 -2.13 11.38 -6.10
CA SER A 59 -1.29 11.67 -4.94
C SER A 59 -0.54 10.45 -4.43
N PHE A 60 -1.22 9.29 -4.37
CA PHE A 60 -0.64 8.10 -3.74
C PHE A 60 0.68 7.71 -4.40
N ASN A 61 0.66 7.58 -5.72
CA ASN A 61 1.81 7.24 -6.56
C ASN A 61 1.84 8.34 -7.59
N ASN A 62 2.99 9.00 -7.76
CA ASN A 62 2.98 10.13 -8.67
C ASN A 62 2.51 9.63 -10.02
N GLN A 63 1.45 10.24 -10.53
CA GLN A 63 0.86 9.81 -11.80
C GLN A 63 1.83 10.15 -12.91
N GLU A 64 2.34 9.10 -13.57
CA GLU A 64 3.33 9.28 -14.65
C GLU A 64 2.67 9.85 -15.91
N LEU A 65 1.49 9.35 -16.26
CA LEU A 65 0.73 9.95 -17.35
C LEU A 65 -0.76 9.77 -17.11
N ASP A 66 -1.51 10.80 -17.42
CA ASP A 66 -2.96 10.72 -17.44
C ASP A 66 -3.53 10.64 -18.85
N ALA A 67 -2.68 10.39 -19.87
CA ALA A 67 -3.15 10.50 -21.25
C ALA A 67 -3.85 9.21 -21.69
N GLN A 68 -4.60 9.34 -22.78
CA GLN A 68 -5.25 8.21 -23.43
C GLN A 68 -6.19 7.47 -22.49
N ILE A 69 -7.10 8.25 -21.90
CA ILE A 69 -8.15 7.72 -21.04
C ILE A 69 -9.48 7.92 -21.76
N PRO A 70 -10.31 6.88 -21.85
CA PRO A 70 -11.58 7.01 -22.58
C PRO A 70 -12.45 8.10 -21.99
N ARG A 71 -13.21 8.73 -22.89
CA ARG A 71 -14.03 9.89 -22.54
C ARG A 71 -15.26 9.41 -21.80
N TYR A 72 -15.30 9.68 -20.50
CA TYR A 72 -16.44 9.35 -19.68
C TYR A 72 -17.12 10.70 -19.49
N ASN A 73 -18.20 10.89 -20.23
CA ASN A 73 -18.90 12.15 -20.07
C ASN A 73 -19.60 12.02 -18.73
N LEU A 74 -18.93 12.53 -17.71
CA LEU A 74 -19.36 12.41 -16.35
C LEU A 74 -19.52 13.80 -15.77
N PRO A 75 -20.63 14.09 -15.07
CA PRO A 75 -20.80 15.42 -14.50
C PRO A 75 -19.65 15.69 -13.56
N ALA A 76 -19.30 16.96 -13.46
CA ALA A 76 -18.22 17.31 -12.56
C ALA A 76 -18.64 17.26 -11.09
N VAL A 77 -19.94 17.27 -10.80
CA VAL A 77 -20.46 17.02 -9.46
C VAL A 77 -21.62 16.03 -9.54
N ILE A 78 -21.63 15.07 -8.63
CA ILE A 78 -22.64 14.02 -8.66
C ILE A 78 -23.36 14.03 -7.33
N PRO A 79 -24.62 14.43 -7.24
CA PRO A 79 -25.26 14.43 -5.92
C PRO A 79 -25.69 13.03 -5.54
N CYS A 80 -25.38 12.68 -4.30
CA CYS A 80 -25.48 11.31 -3.83
C CYS A 80 -26.03 11.28 -2.41
N MET A 81 -26.71 10.18 -2.10
CA MET A 81 -26.97 9.78 -0.73
C MET A 81 -25.70 9.19 -0.14
N LEU A 82 -25.37 9.54 1.09
CA LEU A 82 -24.27 8.85 1.76
C LEU A 82 -24.86 7.76 2.63
N ASN A 83 -24.41 6.52 2.38
CA ASN A 83 -25.03 5.34 2.98
C ASN A 83 -24.21 4.76 4.10
N ASP A 84 -22.91 5.05 4.15
CA ASP A 84 -22.15 4.47 5.24
C ASP A 84 -20.76 5.07 5.28
N ILE A 85 -20.17 5.10 6.49
CA ILE A 85 -18.77 5.45 6.71
C ILE A 85 -18.13 4.37 7.58
N GLN A 86 -16.96 3.87 7.17
CA GLN A 86 -16.23 2.84 7.88
C GLN A 86 -14.77 3.30 8.05
N LEU A 87 -14.44 3.85 9.23
CA LEU A 87 -13.09 4.31 9.52
C LEU A 87 -12.18 3.17 9.98
N SER A 88 -10.90 3.24 9.59
CA SER A 88 -9.95 2.18 9.87
C SER A 88 -8.57 2.76 10.11
N ALA A 89 -7.60 1.86 10.16
CA ALA A 89 -6.22 2.19 10.41
C ALA A 89 -5.36 0.97 10.13
N ASP A 90 -4.28 1.11 9.38
CA ASP A 90 -3.31 0.04 9.20
C ASP A 90 -2.65 -0.32 10.53
N PRO A 91 -2.57 -1.62 10.88
CA PRO A 91 -2.04 -1.99 12.23
C PRO A 91 -0.55 -1.73 12.42
N ASP A 92 0.22 -1.61 11.34
CA ASP A 92 1.65 -1.38 11.43
C ASP A 92 2.04 0.11 11.41
N SER A 93 1.61 0.84 10.38
CA SER A 93 2.03 2.22 10.22
C SER A 93 1.01 3.22 10.75
N ASP A 94 -0.14 2.74 11.23
CA ASP A 94 -1.16 3.58 11.87
C ASP A 94 -1.72 4.66 10.93
N GLU A 95 -1.62 4.43 9.62
CA GLU A 95 -2.20 5.35 8.65
C GLU A 95 -3.70 5.15 8.55
N VAL A 96 -4.41 6.21 8.71
CA VAL A 96 -5.87 6.21 8.74
C VAL A 96 -6.46 6.41 7.37
N TYR A 97 -7.65 5.86 7.19
CA TYR A 97 -8.45 6.02 5.99
C TYR A 97 -9.83 5.55 6.36
N ALA A 98 -10.78 5.83 5.48
CA ALA A 98 -12.15 5.46 5.71
C ALA A 98 -12.69 4.89 4.41
N THR A 99 -13.67 4.00 4.54
CA THR A 99 -14.37 3.41 3.39
C THR A 99 -15.81 3.92 3.36
N LEU A 100 -16.22 4.46 2.22
CA LEU A 100 -17.50 5.15 2.10
C LEU A 100 -18.42 4.46 1.10
N THR A 101 -19.72 4.60 1.32
CA THR A 101 -20.69 4.01 0.40
C THR A 101 -21.64 5.11 -0.06
N LEU A 102 -21.48 5.51 -1.32
CA LEU A 102 -22.24 6.58 -1.96
C LEU A 102 -23.36 5.97 -2.76
N CYS A 103 -24.53 6.62 -2.78
CA CYS A 103 -25.56 6.25 -3.76
C CYS A 103 -25.99 7.46 -4.58
N PRO A 104 -25.71 7.50 -5.90
CA PRO A 104 -26.17 8.62 -6.73
C PRO A 104 -27.66 8.83 -6.64
N MET A 105 -28.09 10.06 -6.86
CA MET A 105 -29.49 10.37 -6.63
C MET A 105 -30.15 10.96 -7.87
N SER A 106 -31.34 10.46 -8.16
CA SER A 106 -32.17 11.04 -9.21
C SER A 106 -32.48 12.49 -8.82
N GLU A 107 -32.78 13.30 -9.85
CA GLU A 107 -32.96 14.74 -9.65
C GLU A 107 -34.04 15.04 -8.63
N GLN A 108 -33.74 15.99 -7.73
CA GLN A 108 -34.57 16.31 -6.57
C GLN A 108 -34.46 17.76 -6.11
N PRO A 122 -20.23 21.61 15.73
CA PRO A 122 -20.79 21.54 17.08
C PRO A 122 -20.56 20.18 17.80
N LYS A 123 -21.64 19.46 18.11
CA LYS A 123 -21.60 18.14 18.78
C LYS A 123 -20.87 18.27 20.10
N ARG A 124 -19.69 17.67 20.26
CA ARG A 124 -18.92 17.65 21.50
C ARG A 124 -17.45 17.78 21.14
N LYS A 125 -16.64 18.26 22.10
CA LYS A 125 -15.21 18.43 21.85
C LYS A 125 -14.41 18.16 23.12
N SER A 126 -13.43 17.26 23.03
CA SER A 126 -12.61 16.79 24.15
C SER A 126 -11.22 17.40 24.08
N ARG A 127 -10.69 17.76 25.25
CA ARG A 127 -9.37 18.34 25.39
C ARG A 127 -8.26 17.45 24.81
N SER A 128 -7.47 18.04 23.90
CA SER A 128 -6.48 17.33 23.09
C SER A 128 -5.23 18.17 22.90
N PHE A 129 -4.14 17.54 22.45
CA PHE A 129 -3.02 18.37 21.99
C PHE A 129 -2.10 17.55 21.08
N THR A 130 -1.38 18.29 20.24
CA THR A 130 -0.54 17.78 19.18
C THR A 130 0.83 18.42 19.28
N LYS A 131 1.87 17.68 18.88
CA LYS A 131 3.20 18.27 18.79
C LYS A 131 4.02 17.59 17.72
N THR A 132 4.70 18.38 16.90
CA THR A 132 5.68 17.84 15.96
C THR A 132 7.03 17.67 16.65
N LEU A 133 7.65 16.53 16.35
CA LEU A 133 8.72 15.91 17.12
C LEU A 133 10.09 16.50 16.77
N THR A 134 10.87 16.87 17.78
CA THR A 134 12.24 17.33 17.53
C THR A 134 13.21 16.15 17.48
N VAL A 135 14.40 16.39 16.94
CA VAL A 135 15.37 15.31 16.81
C VAL A 135 15.80 14.83 18.19
N SER A 136 15.71 15.70 19.20
CA SER A 136 15.99 15.29 20.56
C SER A 136 14.97 14.24 21.02
N ASP A 137 13.67 14.49 20.73
CA ASP A 137 12.66 13.52 21.10
C ASP A 137 12.95 12.18 20.43
N THR A 138 13.29 12.24 19.14
CA THR A 138 13.59 11.04 18.37
C THR A 138 14.87 10.39 18.80
N SER A 139 15.85 11.18 19.23
CA SER A 139 17.13 10.59 19.55
C SER A 139 16.95 9.56 20.65
N THR A 140 17.61 8.42 20.47
CA THR A 140 17.55 7.34 21.45
C THR A 140 18.17 7.78 22.76
N HIS A 141 19.18 8.65 22.67
CA HIS A 141 19.93 9.12 23.83
C HIS A 141 18.99 9.84 24.78
N GLY A 142 18.00 10.52 24.22
CA GLY A 142 17.02 11.25 24.97
C GLY A 142 15.63 10.62 25.03
N GLY A 143 14.88 11.11 26.01
CA GLY A 143 13.44 11.06 26.08
C GLY A 143 12.76 12.18 25.30
N PHE A 144 11.62 12.64 25.85
CA PHE A 144 10.66 13.54 25.20
C PHE A 144 10.26 14.71 26.09
N SER A 145 10.27 15.94 25.55
CA SER A 145 9.88 17.13 26.31
C SER A 145 8.46 17.58 25.94
N VAL A 146 7.55 17.51 26.92
CA VAL A 146 6.15 17.86 26.78
C VAL A 146 5.96 19.38 26.88
N PRO A 147 5.08 19.92 26.04
CA PRO A 147 4.71 21.34 26.12
C PRO A 147 4.01 21.68 27.41
N ARG A 148 4.37 22.86 27.94
CA ARG A 148 3.76 23.37 29.15
C ARG A 148 2.26 23.53 28.98
N ARG A 149 1.83 24.13 27.87
CA ARG A 149 0.40 24.38 27.67
C ARG A 149 -0.38 23.08 27.58
N ALA A 150 0.29 22.00 27.16
CA ALA A 150 -0.39 20.72 26.92
C ALA A 150 -0.60 19.90 28.19
N ALA A 151 0.36 19.89 29.11
CA ALA A 151 0.14 19.31 30.44
C ALA A 151 -1.12 19.88 31.08
N ASP A 152 -1.28 21.20 31.03
CA ASP A 152 -2.44 21.86 31.64
C ASP A 152 -3.74 21.42 30.98
N ASP A 153 -3.78 21.50 29.66
CA ASP A 153 -5.02 21.27 28.93
C ASP A 153 -5.55 19.87 29.18
N CYS A 154 -4.78 18.83 28.83
CA CYS A 154 -5.30 17.47 28.77
C CYS A 154 -4.73 16.49 29.80
N LEU A 155 -3.45 16.56 30.18
CA LEU A 155 -2.88 15.53 31.05
C LEU A 155 -3.44 15.54 32.48
N PRO A 156 -3.31 14.42 33.22
CA PRO A 156 -3.94 14.37 34.53
C PRO A 156 -3.28 15.35 35.47
N LYS A 157 -4.10 16.22 36.06
CA LYS A 157 -3.60 17.20 37.01
C LYS A 157 -2.87 16.44 38.10
N LEU A 158 -1.69 16.92 38.48
CA LEU A 158 -0.75 16.08 39.23
C LEU A 158 -0.50 16.64 40.63
N ASP A 159 0.17 15.83 41.46
CA ASP A 159 0.38 16.05 42.89
C ASP A 159 1.43 17.14 43.16
N MET A 160 1.46 17.63 44.41
CA MET A 160 2.43 18.63 44.86
C MET A 160 3.67 17.93 45.43
N SER A 161 4.83 18.44 45.02
CA SER A 161 6.15 18.11 45.55
C SER A 161 6.33 16.62 45.82
N LEU A 162 6.22 15.82 44.77
CA LEU A 162 6.55 14.42 44.99
C LEU A 162 8.06 14.25 45.01
N ASN A 163 8.79 15.29 44.59
CA ASN A 163 10.24 15.28 44.68
C ASN A 163 10.79 13.98 44.10
N PRO A 164 10.67 13.73 42.78
CA PRO A 164 10.19 14.50 41.61
C PRO A 164 8.76 14.15 41.12
N PRO A 165 7.82 15.11 41.10
CA PRO A 165 6.41 14.73 40.86
C PRO A 165 6.20 13.97 39.56
N ASN A 166 5.52 12.81 39.67
CA ASN A 166 5.29 11.86 38.58
C ASN A 166 4.01 11.06 38.80
N GLN A 167 3.54 10.46 37.72
CA GLN A 167 2.34 9.62 37.74
C GLN A 167 2.38 8.70 36.53
N GLU A 168 1.90 7.48 36.69
CA GLU A 168 1.81 6.58 35.55
C GLU A 168 0.69 6.98 34.60
N LEU A 169 1.00 6.97 33.31
CA LEU A 169 0.10 7.33 32.21
C LEU A 169 -0.19 6.13 31.37
N VAL A 170 -1.48 5.83 31.20
CA VAL A 170 -1.92 4.73 30.37
C VAL A 170 -2.60 5.33 29.14
N ALA A 171 -2.14 4.92 27.97
CA ALA A 171 -2.66 5.43 26.72
C ALA A 171 -3.13 4.30 25.82
N LYS A 172 -4.18 4.54 25.02
CA LYS A 172 -4.58 3.62 23.95
C LYS A 172 -4.30 4.27 22.60
N ASP A 173 -3.66 3.54 21.67
CA ASP A 173 -3.60 3.98 20.27
C ASP A 173 -4.87 3.52 19.55
N LEU A 174 -4.86 3.57 18.23
CA LEU A 174 -6.09 3.28 17.50
C LEU A 174 -6.47 1.81 17.46
N HIS A 175 -5.63 0.93 18.01
CA HIS A 175 -5.92 -0.51 18.08
C HIS A 175 -6.22 -0.99 19.50
N GLY A 176 -6.41 -0.08 20.44
CA GLY A 176 -6.65 -0.54 21.79
C GLY A 176 -5.41 -0.90 22.59
N ASN A 177 -4.20 -0.81 22.00
CA ASN A 177 -2.95 -1.08 22.69
C ASN A 177 -2.68 -0.08 23.82
N GLU A 178 -2.04 -0.56 24.87
CA GLU A 178 -1.68 0.31 25.97
C GLU A 178 -0.18 0.57 25.89
N TRP A 179 0.20 1.85 25.95
CA TRP A 179 1.59 2.26 26.03
C TRP A 179 1.75 2.99 27.35
N ARG A 180 2.55 2.44 28.27
CA ARG A 180 2.68 3.09 29.55
C ARG A 180 3.86 4.05 29.55
N PHE A 181 3.73 5.11 30.34
CA PHE A 181 4.65 6.24 30.23
C PHE A 181 4.97 6.78 31.61
N ARG A 182 6.20 7.24 31.76
CA ARG A 182 6.61 7.89 32.99
C ARG A 182 6.67 9.37 32.69
N HIS A 183 5.79 10.11 33.35
CA HIS A 183 5.69 11.54 33.14
C HIS A 183 6.18 12.19 34.43
N ILE A 184 7.48 12.51 34.43
CA ILE A 184 8.19 13.10 35.56
C ILE A 184 8.39 14.58 35.26
N PHE A 185 8.64 15.36 36.32
CA PHE A 185 8.67 16.82 36.26
C PHE A 185 9.95 17.38 36.87
N ARG A 186 10.90 17.72 36.02
CA ARG A 186 12.24 17.94 36.53
C ARG A 186 13.04 18.86 35.61
N GLY A 187 14.37 18.86 35.79
CA GLY A 187 15.30 19.73 35.09
C GLY A 187 15.47 21.00 35.85
N GLN A 188 16.39 21.85 35.40
CA GLN A 188 16.61 23.14 36.07
C GLN A 188 17.06 24.16 35.04
N PRO A 189 16.12 24.97 34.50
CA PRO A 189 14.79 25.01 35.13
C PRO A 189 13.90 23.81 34.88
N LYS A 190 12.82 23.67 35.66
CA LYS A 190 11.88 22.55 35.52
C LYS A 190 11.13 22.55 34.19
N ARG A 191 11.06 21.36 33.58
CA ARG A 191 10.27 21.09 32.38
C ARG A 191 9.45 19.83 32.61
N HIS A 192 8.44 19.60 31.77
CA HIS A 192 7.68 18.35 31.77
C HIS A 192 8.25 17.33 30.81
N LEU A 193 8.52 16.12 31.31
CA LEU A 193 9.26 15.12 30.54
C LEU A 193 8.57 13.76 30.53
N LEU A 194 8.78 13.02 29.43
CA LEU A 194 8.48 11.60 29.34
C LEU A 194 9.77 10.80 29.13
N THR A 195 9.97 9.76 29.94
CA THR A 195 11.16 8.92 29.83
C THR A 195 10.78 7.46 29.56
N THR A 196 10.19 6.79 30.52
CA THR A 196 9.97 5.35 30.39
C THR A 196 8.86 5.08 29.41
N GLY A 197 9.17 4.29 28.40
CA GLY A 197 8.21 3.97 27.38
C GLY A 197 8.25 4.90 26.21
N TRP A 198 8.87 6.06 26.36
CA TRP A 198 9.00 6.94 25.22
C TRP A 198 9.88 6.29 24.15
N SER A 199 11.07 5.86 24.55
CA SER A 199 12.02 5.28 23.62
C SER A 199 11.45 4.07 22.89
N VAL A 200 10.80 3.18 23.62
CA VAL A 200 10.25 1.97 23.03
C VAL A 200 9.11 2.34 22.11
N PHE A 201 8.37 3.40 22.47
CA PHE A 201 7.30 3.94 21.62
C PHE A 201 7.85 4.35 20.25
N VAL A 202 9.03 4.96 20.22
CA VAL A 202 9.57 5.52 18.99
C VAL A 202 10.13 4.45 18.07
N SER A 203 10.73 3.37 18.61
CA SER A 203 11.25 2.30 17.75
C SER A 203 10.11 1.43 17.24
N GLN A 204 9.24 0.95 18.13
CA GLN A 204 8.09 0.16 17.73
C GLN A 204 7.22 0.85 16.66
N LYS A 205 6.96 2.15 16.83
CA LYS A 205 6.17 2.95 15.90
C LYS A 205 7.01 3.57 14.79
N ARG A 206 8.33 3.40 14.82
CA ARG A 206 9.23 3.85 13.74
C ARG A 206 9.06 5.35 13.43
N LEU A 207 9.20 6.17 14.46
CA LEU A 207 9.01 7.62 14.33
C LEU A 207 10.34 8.34 14.09
N VAL A 208 10.27 9.51 13.43
CA VAL A 208 11.44 10.37 13.24
C VAL A 208 11.06 11.84 13.39
N ALA A 209 12.05 12.71 13.33
CA ALA A 209 11.79 14.14 13.45
C ALA A 209 10.93 14.62 12.29
N GLY A 210 10.34 15.81 12.46
CA GLY A 210 9.36 16.31 11.50
C GLY A 210 7.99 15.71 11.74
N ASP A 211 7.96 14.50 12.34
CA ASP A 211 6.73 13.80 12.65
C ASP A 211 6.06 14.42 13.88
N ALA A 212 4.86 13.96 14.16
CA ALA A 212 4.08 14.54 15.25
C ALA A 212 3.37 13.44 16.00
N VAL A 213 3.06 13.74 17.28
CA VAL A 213 2.45 12.81 18.21
C VAL A 213 1.23 13.48 18.83
N LEU A 214 0.31 12.66 19.30
CA LEU A 214 -1.02 13.13 19.60
C LEU A 214 -1.57 12.51 20.88
N PHE A 215 -2.44 13.26 21.55
CA PHE A 215 -3.08 12.78 22.77
C PHE A 215 -4.48 13.36 22.84
N LEU A 216 -5.41 12.58 23.39
CA LEU A 216 -6.77 12.99 23.68
C LEU A 216 -7.11 12.65 25.10
N ARG A 217 -7.87 13.51 25.77
CA ARG A 217 -8.42 13.18 27.08
C ARG A 217 -9.93 12.99 26.99
N GLY A 218 -10.42 11.88 27.52
CA GLY A 218 -11.83 11.59 27.55
C GLY A 218 -12.42 11.99 28.89
N GLU A 219 -13.72 11.75 29.05
CA GLU A 219 -14.34 12.00 30.34
C GLU A 219 -13.79 11.02 31.35
N ASN A 220 -13.64 9.77 30.92
CA ASN A 220 -13.13 8.64 31.68
C ASN A 220 -11.73 8.86 32.19
N GLY A 221 -11.10 9.97 31.80
CA GLY A 221 -9.69 10.18 32.01
C GLY A 221 -8.80 9.33 31.14
N GLN A 222 -9.39 8.42 30.36
CA GLN A 222 -8.59 7.54 29.51
C GLN A 222 -8.03 8.39 28.39
N LEU A 223 -6.72 8.56 28.40
CA LEU A 223 -6.03 9.36 27.42
C LEU A 223 -5.64 8.47 26.25
N ARG A 224 -5.76 8.99 25.04
CA ARG A 224 -5.45 8.22 23.86
C ARG A 224 -4.27 8.81 23.10
N VAL A 225 -3.52 7.95 22.44
CA VAL A 225 -2.32 8.42 21.76
C VAL A 225 -2.43 8.06 20.29
N GLY A 226 -1.87 8.92 19.46
CA GLY A 226 -2.01 8.81 18.02
C GLY A 226 -0.74 9.31 17.39
N VAL A 227 -0.63 9.07 16.09
CA VAL A 227 0.60 9.31 15.34
C VAL A 227 0.28 9.93 13.98
N ARG A 228 0.75 11.16 13.72
CA ARG A 228 0.61 11.78 12.39
C ARG A 228 1.99 12.00 11.76
N ARG A 229 2.40 11.05 10.91
CA ARG A 229 3.71 11.10 10.28
C ARG A 229 3.83 12.32 9.37
N ALA A 230 5.05 12.86 9.29
CA ALA A 230 5.35 13.91 8.34
C ALA A 230 5.33 13.34 6.92
N PRO A 231 5.07 14.19 5.92
CA PRO A 231 5.06 13.77 4.50
C PRO A 231 6.44 13.37 3.93
N ARG A 232 6.44 12.29 3.13
CA ARG A 232 7.66 11.80 2.45
C ARG A 232 7.74 12.13 0.94
N LYS A 239 2.89 -1.92 -5.08
CA LYS A 239 1.64 -1.46 -5.68
C LYS A 239 0.84 -2.67 -6.18
N VAL A 240 -0.48 -2.49 -6.33
CA VAL A 240 -1.37 -3.53 -6.85
C VAL A 240 -1.91 -3.19 -8.24
N LEU A 241 -1.99 -1.91 -8.58
CA LEU A 241 -2.62 -1.47 -9.82
C LEU A 241 -1.82 -0.32 -10.42
N THR A 242 -1.92 -0.19 -11.73
CA THR A 242 -1.22 0.90 -12.39
C THR A 242 -1.96 2.23 -12.27
N SER A 243 -1.29 3.30 -12.69
CA SER A 243 -1.94 4.60 -12.62
C SER A 243 -3.11 4.65 -13.59
N PRO A 244 -2.95 4.33 -14.88
CA PRO A 244 -4.12 4.32 -15.77
C PRO A 244 -5.22 3.38 -15.32
N THR A 245 -4.92 2.23 -14.72
CA THR A 245 -6.01 1.32 -14.36
C THR A 245 -6.84 1.89 -13.20
N MET A 246 -6.19 2.48 -12.19
CA MET A 246 -6.92 3.21 -11.16
C MET A 246 -7.63 4.41 -11.75
N HIS A 247 -6.87 5.24 -12.46
CA HIS A 247 -7.37 6.49 -13.01
C HIS A 247 -8.59 6.28 -13.90
N ILE A 248 -8.84 5.05 -14.35
CA ILE A 248 -10.03 4.71 -15.13
C ILE A 248 -11.05 3.90 -14.33
N GLY A 249 -10.61 3.15 -13.31
CA GLY A 249 -11.54 2.39 -12.48
C GLY A 249 -12.38 3.29 -11.62
N VAL A 250 -11.79 4.40 -11.15
CA VAL A 250 -12.51 5.49 -10.50
C VAL A 250 -13.65 5.92 -11.42
N LEU A 251 -13.28 6.44 -12.59
CA LEU A 251 -14.28 7.04 -13.47
C LEU A 251 -15.28 6.00 -13.94
N ALA A 252 -14.81 4.79 -14.27
CA ALA A 252 -15.72 3.75 -14.73
C ALA A 252 -16.78 3.48 -13.68
N ALA A 253 -16.34 3.27 -12.44
CA ALA A 253 -17.25 2.98 -11.34
C ALA A 253 -18.31 4.06 -11.20
N ALA A 254 -17.89 5.31 -11.04
CA ALA A 254 -18.84 6.40 -10.88
C ALA A 254 -19.81 6.44 -12.05
N ALA A 255 -19.28 6.39 -13.28
CA ALA A 255 -20.15 6.50 -14.44
C ALA A 255 -21.24 5.43 -14.38
N HIS A 256 -20.84 4.19 -14.08
CA HIS A 256 -21.82 3.12 -13.96
C HIS A 256 -22.76 3.40 -12.81
N ALA A 257 -22.23 3.62 -11.62
CA ALA A 257 -23.09 3.90 -10.47
C ALA A 257 -23.94 5.14 -10.64
N ALA A 258 -23.71 5.98 -11.65
CA ALA A 258 -24.55 7.17 -11.85
C ALA A 258 -25.62 6.98 -12.93
N THR A 259 -25.29 6.37 -14.05
CA THR A 259 -26.34 6.05 -14.99
C THR A 259 -27.32 5.03 -14.42
N GLU A 260 -26.89 4.25 -13.44
CA GLU A 260 -27.70 3.22 -12.81
C GLU A 260 -28.40 3.68 -11.54
N LYS A 261 -27.95 4.77 -10.92
CA LYS A 261 -28.41 5.20 -9.60
C LYS A 261 -28.24 4.09 -8.56
N SER A 262 -27.17 3.30 -8.73
CA SER A 262 -26.78 2.20 -7.85
C SER A 262 -25.60 2.61 -6.96
N ARG A 263 -25.59 2.08 -5.75
CA ARG A 263 -24.55 2.45 -4.81
C ARG A 263 -23.15 1.93 -5.25
N PHE A 264 -22.12 2.70 -4.89
CA PHE A 264 -20.73 2.40 -5.17
C PHE A 264 -19.85 2.88 -4.02
N SER A 265 -18.64 2.34 -3.93
CA SER A 265 -17.74 2.62 -2.82
C SER A 265 -16.50 3.36 -3.27
N LEU A 266 -15.84 4.04 -2.33
CA LEU A 266 -14.63 4.78 -2.63
C LEU A 266 -13.85 4.94 -1.34
N ILE A 267 -12.58 5.32 -1.47
CA ILE A 267 -11.70 5.39 -0.30
C ILE A 267 -11.25 6.82 -0.07
N TYR A 268 -11.43 7.27 1.17
CA TYR A 268 -10.88 8.53 1.66
C TYR A 268 -9.62 8.24 2.47
N ASN A 269 -8.49 8.74 1.99
CA ASN A 269 -7.19 8.64 2.66
C ASN A 269 -6.76 10.06 2.98
N PRO A 270 -7.11 10.60 4.16
CA PRO A 270 -7.00 12.05 4.36
C PRO A 270 -5.58 12.57 4.45
N ARG A 271 -4.60 11.77 4.86
CA ARG A 271 -3.26 12.34 4.79
C ARG A 271 -2.83 12.51 3.35
N SER A 272 -3.21 11.58 2.48
CA SER A 272 -2.87 11.62 1.05
C SER A 272 -3.86 12.47 0.19
N CYS A 273 -4.71 13.30 0.80
CA CYS A 273 -5.71 14.03 0.04
C CYS A 273 -5.54 15.55 0.21
N PRO A 274 -5.46 16.29 -0.90
CA PRO A 274 -5.16 17.73 -0.83
C PRO A 274 -6.36 18.57 -0.41
N SER A 275 -7.50 18.31 -1.04
CA SER A 275 -8.76 18.98 -0.74
C SER A 275 -9.80 17.88 -0.64
N GLU A 276 -10.79 18.06 0.24
CA GLU A 276 -11.80 17.04 0.38
C GLU A 276 -12.60 16.98 -0.92
N PHE A 277 -13.05 15.79 -1.30
CA PHE A 277 -13.87 15.64 -2.50
C PHE A 277 -15.27 15.12 -2.27
N VAL A 278 -15.67 14.81 -1.04
CA VAL A 278 -17.06 14.50 -0.71
C VAL A 278 -17.51 15.52 0.31
N ILE A 279 -18.38 16.42 -0.12
CA ILE A 279 -18.72 17.54 0.76
C ILE A 279 -20.24 17.63 0.78
N PRO A 280 -20.84 18.14 1.88
CA PRO A 280 -22.31 18.32 1.96
C PRO A 280 -22.96 18.92 0.71
N TYR A 281 -24.03 18.31 0.17
CA TYR A 281 -24.59 18.86 -1.06
C TYR A 281 -25.08 20.26 -0.86
N SER A 282 -25.40 20.60 0.39
CA SER A 282 -25.77 21.97 0.75
C SER A 282 -24.66 22.97 0.41
N LYS A 283 -23.48 22.78 1.04
CA LYS A 283 -22.31 23.61 0.83
C LYS A 283 -22.10 23.90 -0.65
N TYR A 284 -21.94 22.84 -1.42
CA TYR A 284 -21.78 22.99 -2.87
C TYR A 284 -22.77 23.98 -3.48
N LEU A 285 -24.06 23.83 -3.17
CA LEU A 285 -25.03 24.71 -3.79
C LEU A 285 -24.89 26.13 -3.30
N LYS A 286 -24.55 26.30 -2.03
CA LYS A 286 -24.33 27.64 -1.52
C LYS A 286 -23.16 28.31 -2.20
N ALA A 287 -22.13 27.55 -2.56
CA ALA A 287 -20.98 28.17 -3.24
C ALA A 287 -21.31 28.50 -4.69
N VAL A 288 -21.86 27.55 -5.43
CA VAL A 288 -22.19 27.75 -6.84
C VAL A 288 -22.99 29.03 -7.00
N LYS A 289 -24.05 29.13 -6.20
CA LYS A 289 -24.93 30.29 -6.15
C LYS A 289 -24.17 31.57 -5.78
N SER A 290 -23.21 31.47 -4.87
CA SER A 290 -22.47 32.66 -4.44
C SER A 290 -21.62 33.20 -5.60
N ASN A 291 -21.58 34.53 -5.71
CA ASN A 291 -20.79 35.18 -6.75
C ASN A 291 -19.54 35.80 -6.14
N PHE A 292 -18.42 35.20 -6.49
CA PHE A 292 -17.11 35.78 -6.31
C PHE A 292 -16.75 36.62 -7.53
N ASN A 293 -16.15 37.79 -7.30
CA ASN A 293 -15.64 38.57 -8.42
C ASN A 293 -14.19 38.94 -8.12
N VAL A 294 -13.49 39.30 -9.18
CA VAL A 294 -12.04 39.42 -9.10
C VAL A 294 -11.63 40.61 -8.26
N GLY A 295 -10.47 40.48 -7.60
CA GLY A 295 -10.04 41.47 -6.66
C GLY A 295 -10.69 41.34 -5.30
N GLN A 296 -11.66 40.44 -5.15
CA GLN A 296 -12.28 40.18 -3.86
C GLN A 296 -11.26 39.45 -2.98
N ARG A 297 -11.22 39.80 -1.70
CA ARG A 297 -10.31 39.18 -0.75
C ARG A 297 -11.02 38.07 0.01
N PHE A 298 -10.23 37.08 0.45
CA PHE A 298 -10.79 35.86 1.00
C PHE A 298 -9.92 35.30 2.11
N LYS A 299 -10.53 34.42 2.90
CA LYS A 299 -9.86 33.73 3.99
C LYS A 299 -10.02 32.23 3.80
N MET A 300 -9.27 31.45 4.54
CA MET A 300 -9.39 30.01 4.40
C MET A 300 -9.14 29.35 5.76
N LYS A 301 -10.01 28.42 6.15
CA LYS A 301 -9.90 27.82 7.48
C LYS A 301 -9.31 26.41 7.41
N PHE A 302 -8.03 26.35 7.02
CA PHE A 302 -7.24 25.11 7.08
C PHE A 302 -6.72 24.85 8.48
N GLU A 303 -5.94 25.78 9.02
CA GLU A 303 -5.32 25.57 10.32
C GLU A 303 -6.25 26.09 11.41
N SER A 304 -6.51 25.24 12.40
CA SER A 304 -7.24 25.58 13.62
C SER A 304 -6.67 24.69 14.72
N GLU A 305 -7.33 24.64 15.89
CA GLU A 305 -6.98 23.77 17.02
C GLU A 305 -5.67 24.19 17.72
N ASP A 306 -5.14 25.39 17.46
CA ASP A 306 -4.01 25.94 18.20
C ASP A 306 -4.44 27.25 18.85
N PRO A 307 -3.79 27.67 19.98
CA PRO A 307 -4.17 28.96 20.60
C PRO A 307 -4.32 30.08 19.58
N SER A 308 -3.29 30.32 18.78
CA SER A 308 -3.37 31.29 17.69
C SER A 308 -3.91 30.57 16.45
N ASP A 309 -5.11 30.96 16.00
CA ASP A 309 -5.72 30.33 14.82
C ASP A 309 -4.83 30.40 13.59
N ARG A 310 -3.94 31.39 13.53
CA ARG A 310 -3.12 31.63 12.34
C ARG A 310 -4.02 31.79 11.13
N ARG A 311 -4.46 33.02 10.89
CA ARG A 311 -5.40 33.29 9.81
C ARG A 311 -4.69 33.19 8.46
N HIS A 312 -5.25 32.42 7.53
CA HIS A 312 -4.70 32.34 6.18
C HIS A 312 -5.50 33.27 5.29
N THR A 313 -4.84 33.88 4.31
CA THR A 313 -5.54 34.90 3.54
C THR A 313 -4.94 35.01 2.14
N GLY A 314 -5.72 35.63 1.24
CA GLY A 314 -5.30 35.82 -0.14
C GLY A 314 -6.31 36.64 -0.91
N THR A 315 -6.01 36.86 -2.19
CA THR A 315 -6.86 37.65 -3.06
C THR A 315 -7.19 36.88 -4.34
N ILE A 316 -8.36 37.17 -4.88
CA ILE A 316 -8.89 36.49 -6.07
C ILE A 316 -8.34 37.17 -7.32
N THR A 317 -7.46 36.45 -8.02
CA THR A 317 -6.96 36.91 -9.31
C THR A 317 -7.94 36.62 -10.47
N GLY A 318 -8.61 35.47 -10.47
CA GLY A 318 -9.46 35.15 -11.61
C GLY A 318 -10.38 33.98 -11.37
N ILE A 319 -11.20 33.67 -12.39
CA ILE A 319 -12.22 32.61 -12.33
C ILE A 319 -12.28 31.82 -13.65
N CYS A 320 -11.95 30.52 -13.60
CA CYS A 320 -11.87 29.75 -14.84
C CYS A 320 -12.17 28.28 -14.61
N ASP A 321 -12.78 27.64 -15.61
CA ASP A 321 -12.86 26.19 -15.65
C ASP A 321 -11.44 25.62 -15.68
N PHE A 322 -11.04 25.01 -14.56
CA PHE A 322 -9.63 24.69 -14.30
C PHE A 322 -9.03 23.74 -15.33
N ASP A 323 -9.66 22.58 -15.54
CA ASP A 323 -9.23 21.63 -16.56
C ASP A 323 -10.40 21.56 -17.54
N PRO A 324 -10.46 22.50 -18.48
CA PRO A 324 -11.62 22.55 -19.39
C PRO A 324 -11.74 21.32 -20.27
N ALA A 325 -10.64 20.59 -20.49
CA ALA A 325 -10.61 19.48 -21.43
C ALA A 325 -11.57 18.37 -20.99
N ARG A 326 -11.24 17.64 -19.93
CA ARG A 326 -12.11 16.55 -19.48
C ARG A 326 -13.28 17.07 -18.67
N TRP A 327 -13.05 18.06 -17.81
CA TRP A 327 -14.03 18.56 -16.85
C TRP A 327 -14.32 20.03 -17.13
N PRO A 328 -15.18 20.30 -18.09
CA PRO A 328 -15.55 21.66 -18.45
C PRO A 328 -16.68 22.15 -17.57
N GLY A 329 -16.69 23.46 -17.33
CA GLY A 329 -17.84 24.03 -16.66
C GLY A 329 -18.03 23.63 -15.21
N SER A 330 -17.02 22.98 -14.60
CA SER A 330 -17.07 22.55 -13.20
C SER A 330 -16.72 23.68 -12.27
N GLU A 331 -17.04 23.49 -11.00
CA GLU A 331 -16.62 24.43 -9.98
C GLU A 331 -15.32 23.98 -9.30
N TRP A 332 -14.74 22.88 -9.74
CA TRP A 332 -13.52 22.36 -9.13
C TRP A 332 -12.33 23.29 -9.35
N ARG A 333 -11.72 23.74 -8.25
CA ARG A 333 -10.59 24.67 -8.28
C ARG A 333 -10.82 25.80 -9.28
N SER A 334 -12.04 26.32 -9.33
CA SER A 334 -12.36 27.32 -10.32
C SER A 334 -11.90 28.72 -9.93
N LEU A 335 -11.25 28.89 -8.79
CA LEU A 335 -10.83 30.22 -8.35
C LEU A 335 -9.32 30.32 -8.50
N GLN A 336 -8.85 31.37 -9.18
CA GLN A 336 -7.43 31.70 -9.21
C GLN A 336 -7.16 32.67 -8.06
N VAL A 337 -6.21 32.33 -7.19
CA VAL A 337 -5.94 33.14 -6.02
C VAL A 337 -4.45 33.38 -5.91
N ASN A 338 -4.12 34.51 -5.29
CA ASN A 338 -2.76 34.94 -5.01
C ASN A 338 -2.64 35.12 -3.50
N TRP A 339 -1.76 34.36 -2.88
CA TRP A 339 -1.64 34.43 -1.43
C TRP A 339 -0.99 35.74 -1.01
N ASP A 340 -1.28 36.14 0.22
CA ASP A 340 -0.63 37.30 0.85
C ASP A 340 0.73 36.86 1.42
N GLU A 341 1.80 37.19 0.68
CA GLU A 341 3.19 36.90 1.03
C GLU A 341 3.31 35.50 1.64
N SER A 342 3.13 34.46 0.82
CA SER A 342 3.22 33.08 1.28
C SER A 342 4.67 32.71 1.51
N SER A 343 4.89 31.80 2.46
CA SER A 343 6.23 31.45 2.92
C SER A 343 6.63 29.99 2.59
N SER A 344 6.70 29.63 1.29
CA SER A 344 7.16 28.31 0.83
C SER A 344 6.44 27.17 1.56
N SER A 345 5.20 27.42 1.99
CA SER A 345 4.33 26.41 2.59
C SER A 345 2.91 26.68 2.09
N GLU A 346 2.12 25.61 1.96
CA GLU A 346 0.70 25.69 1.57
C GLU A 346 0.52 26.38 0.21
N ARG A 347 1.42 26.13 -0.72
CA ARG A 347 1.28 26.72 -2.05
C ARG A 347 0.37 25.85 -2.92
N GLN A 348 -0.82 26.40 -3.22
CA GLN A 348 -1.79 25.88 -4.18
C GLN A 348 -2.52 27.09 -4.78
N GLU A 349 -2.23 27.41 -6.05
CA GLU A 349 -2.70 28.66 -6.64
C GLU A 349 -4.22 28.64 -6.92
N ARG A 350 -4.83 27.46 -7.14
CA ARG A 350 -6.24 27.37 -7.54
C ARG A 350 -7.14 26.71 -6.49
N VAL A 351 -8.33 27.29 -6.26
CA VAL A 351 -9.22 26.88 -5.18
C VAL A 351 -10.67 26.80 -5.63
N SER A 352 -11.51 26.17 -4.77
CA SER A 352 -12.92 25.93 -5.02
C SER A 352 -13.78 26.81 -4.11
N PRO A 353 -14.96 27.19 -4.58
CA PRO A 353 -15.74 28.22 -3.89
C PRO A 353 -16.25 27.85 -2.51
N TRP A 354 -16.35 26.56 -2.14
CA TRP A 354 -16.73 26.21 -0.76
C TRP A 354 -15.52 26.10 0.15
N GLU A 355 -14.31 26.41 -0.35
CA GLU A 355 -13.11 26.35 0.45
C GLU A 355 -12.74 27.71 1.02
N VAL A 356 -13.41 28.77 0.61
CA VAL A 356 -12.98 30.11 0.92
C VAL A 356 -14.14 30.88 1.54
N GLU A 357 -13.82 31.78 2.45
CA GLU A 357 -14.79 32.71 3.05
C GLU A 357 -14.48 34.10 2.54
N PRO A 358 -15.45 34.82 1.97
CA PRO A 358 -15.17 36.21 1.61
C PRO A 358 -14.65 36.99 2.82
N GLY A 359 -13.51 37.68 2.63
CA GLY A 359 -12.67 38.15 3.71
C GLY A 359 -12.63 39.67 3.87
N ASN A 360 -11.53 40.15 4.43
CA ASN A 360 -11.30 41.60 4.53
C ASN A 360 -9.82 41.97 4.39
N ILE B 24 18.11 -4.80 -15.67
CA ILE B 24 18.55 -4.25 -14.37
C ILE B 24 18.61 -5.35 -13.24
N ASP B 25 19.56 -6.30 -13.36
CA ASP B 25 19.82 -7.39 -12.39
C ASP B 25 18.61 -8.33 -12.20
N ALA B 26 18.31 -9.05 -13.28
CA ALA B 26 17.21 -10.01 -13.27
C ALA B 26 17.44 -11.08 -12.22
N GLU B 27 18.65 -11.65 -12.20
CA GLU B 27 18.86 -12.89 -11.46
C GLU B 27 18.41 -12.73 -10.01
N LEU B 28 18.66 -11.57 -9.41
CA LEU B 28 18.22 -11.41 -8.03
C LEU B 28 16.71 -11.33 -7.94
N TRP B 29 16.08 -10.55 -8.82
CA TRP B 29 14.64 -10.35 -8.72
C TRP B 29 13.87 -11.66 -8.86
N TYR B 30 14.29 -12.56 -9.74
CA TYR B 30 13.50 -13.78 -9.89
C TYR B 30 13.67 -14.69 -8.68
N ALA B 31 14.89 -14.83 -8.17
CA ALA B 31 15.10 -15.64 -6.97
C ALA B 31 14.37 -15.06 -5.77
N CYS B 32 14.41 -13.74 -5.64
CA CYS B 32 13.65 -13.01 -4.63
C CYS B 32 12.14 -13.20 -4.81
N ALA B 33 11.67 -13.19 -6.07
CA ALA B 33 10.27 -13.34 -6.41
C ALA B 33 9.75 -14.70 -6.00
N GLY B 34 10.19 -15.73 -6.68
CA GLY B 34 9.71 -17.05 -6.37
C GLY B 34 10.59 -18.13 -6.95
N PRO B 35 10.66 -19.25 -6.24
CA PRO B 35 11.35 -20.40 -6.81
C PRO B 35 10.60 -20.85 -8.05
N GLN B 36 11.37 -21.29 -9.06
CA GLN B 36 10.84 -21.82 -10.33
C GLN B 36 9.89 -20.81 -11.00
N LYS B 37 10.29 -19.55 -11.06
CA LYS B 37 9.48 -18.51 -11.70
C LYS B 37 10.29 -17.77 -12.75
N ALA B 38 9.79 -17.75 -14.00
CA ALA B 38 10.39 -17.03 -15.10
C ALA B 38 9.26 -16.40 -15.91
N LEU B 39 9.54 -15.28 -16.55
CA LEU B 39 8.55 -14.53 -17.29
C LEU B 39 8.69 -14.75 -18.77
N PRO B 40 7.68 -14.38 -19.55
CA PRO B 40 7.80 -14.52 -21.01
C PRO B 40 8.83 -13.56 -21.56
N PRO B 41 9.40 -13.87 -22.72
CA PRO B 41 10.38 -12.96 -23.32
C PRO B 41 9.69 -11.74 -23.89
N VAL B 42 10.33 -10.57 -23.73
CA VAL B 42 9.77 -9.31 -24.23
C VAL B 42 9.79 -9.28 -25.76
N GLY B 43 8.68 -8.84 -26.35
CA GLY B 43 8.49 -8.91 -27.80
C GLY B 43 7.73 -10.11 -28.35
N SER B 44 7.36 -11.10 -27.50
CA SER B 44 6.70 -12.36 -27.84
C SER B 44 5.20 -12.30 -27.60
N VAL B 45 4.45 -13.17 -28.28
CA VAL B 45 2.99 -13.16 -28.18
C VAL B 45 2.55 -13.97 -26.97
N VAL B 46 1.62 -13.39 -26.17
CA VAL B 46 1.22 -13.91 -24.87
C VAL B 46 -0.31 -13.82 -24.72
N ALA B 47 -0.82 -14.77 -23.93
CA ALA B 47 -2.24 -14.86 -23.59
C ALA B 47 -2.49 -13.98 -22.38
N TYR B 48 -3.26 -12.90 -22.55
CA TYR B 48 -3.67 -12.16 -21.38
C TYR B 48 -4.96 -12.79 -20.92
N LEU B 49 -5.02 -13.16 -19.64
CA LEU B 49 -6.11 -13.95 -19.12
C LEU B 49 -6.73 -13.14 -17.99
N PRO B 50 -7.71 -12.27 -18.27
CA PRO B 50 -8.19 -11.37 -17.21
C PRO B 50 -8.62 -12.10 -15.96
N GLN B 51 -9.29 -13.27 -16.07
CA GLN B 51 -9.78 -13.92 -14.85
C GLN B 51 -8.67 -14.06 -13.81
N GLY B 52 -7.46 -14.37 -14.27
CA GLY B 52 -6.35 -14.50 -13.35
C GLY B 52 -5.86 -13.16 -12.86
N HIS B 53 -6.02 -12.10 -13.67
CA HIS B 53 -5.64 -10.76 -13.20
C HIS B 53 -6.58 -10.28 -12.08
N ILE B 54 -7.89 -10.45 -12.28
CA ILE B 54 -8.91 -10.30 -11.26
C ILE B 54 -8.49 -10.97 -9.97
N GLU B 55 -8.09 -12.24 -10.05
CA GLU B 55 -7.64 -12.99 -8.87
C GLU B 55 -6.43 -12.33 -8.18
N GLN B 56 -5.48 -11.79 -8.95
CA GLN B 56 -4.37 -11.11 -8.30
C GLN B 56 -4.87 -9.98 -7.44
N VAL B 57 -5.61 -9.05 -8.04
CA VAL B 57 -6.16 -7.90 -7.33
C VAL B 57 -7.09 -8.33 -6.20
N ALA B 58 -7.86 -9.40 -6.41
CA ALA B 58 -8.69 -9.97 -5.35
C ALA B 58 -7.89 -10.69 -4.27
N SER B 59 -6.58 -10.94 -4.50
CA SER B 59 -5.75 -11.64 -3.51
C SER B 59 -5.40 -10.75 -2.33
N PHE B 60 -5.11 -9.47 -2.57
CA PHE B 60 -4.80 -8.57 -1.47
C PHE B 60 -5.95 -8.52 -0.47
N ASN B 61 -7.18 -8.28 -0.96
CA ASN B 61 -8.36 -8.23 -0.09
C ASN B 61 -9.53 -9.03 -0.63
N ASN B 62 -10.08 -9.85 0.25
CA ASN B 62 -11.20 -10.71 -0.04
C ASN B 62 -12.43 -9.91 -0.49
N GLN B 63 -12.88 -10.18 -1.71
CA GLN B 63 -13.97 -9.44 -2.30
C GLN B 63 -15.32 -9.68 -1.63
N ILE B 69 -22.83 -5.20 -9.86
CA ILE B 69 -23.27 -5.80 -11.12
C ILE B 69 -22.38 -5.33 -12.28
N PRO B 70 -21.05 -5.46 -12.18
CA PRO B 70 -20.23 -5.08 -13.34
C PRO B 70 -20.52 -6.01 -14.52
N ARG B 71 -20.64 -5.42 -15.72
CA ARG B 71 -20.97 -6.18 -16.94
C ARG B 71 -20.01 -5.87 -18.09
N TYR B 72 -18.91 -6.61 -18.16
CA TYR B 72 -17.95 -6.44 -19.24
C TYR B 72 -17.81 -7.73 -20.03
N ASN B 73 -18.31 -7.73 -21.26
CA ASN B 73 -18.11 -8.89 -22.10
C ASN B 73 -16.65 -8.86 -22.57
N LEU B 74 -15.82 -9.63 -21.89
CA LEU B 74 -14.40 -9.67 -22.18
C LEU B 74 -13.97 -11.12 -22.44
N PRO B 75 -13.24 -11.38 -23.52
CA PRO B 75 -12.77 -12.76 -23.76
C PRO B 75 -11.95 -13.25 -22.58
N ALA B 76 -12.06 -14.55 -22.30
CA ALA B 76 -11.35 -15.12 -21.16
C ALA B 76 -9.86 -15.27 -21.44
N VAL B 77 -9.47 -15.23 -22.72
CA VAL B 77 -8.08 -15.10 -23.14
C VAL B 77 -8.01 -14.02 -24.20
N ILE B 78 -7.12 -13.07 -23.98
CA ILE B 78 -6.92 -11.99 -24.93
C ILE B 78 -5.47 -12.09 -25.36
N PRO B 79 -5.19 -12.45 -26.61
CA PRO B 79 -3.80 -12.61 -27.05
C PRO B 79 -3.18 -11.26 -27.37
N CYS B 80 -1.95 -11.10 -26.90
CA CYS B 80 -1.33 -9.78 -26.82
C CYS B 80 0.14 -9.86 -27.18
N MET B 81 0.65 -8.72 -27.61
CA MET B 81 2.07 -8.46 -27.68
C MET B 81 2.58 -8.07 -26.31
N LEU B 82 3.77 -8.52 -25.98
CA LEU B 82 4.44 -8.01 -24.79
C LEU B 82 5.41 -6.92 -25.26
N ASN B 83 5.27 -5.71 -24.71
CA ASN B 83 6.05 -4.60 -25.25
C ASN B 83 7.17 -4.14 -24.32
N ASP B 84 7.09 -4.43 -23.03
CA ASP B 84 8.12 -4.04 -22.08
C ASP B 84 7.80 -4.69 -20.74
N ILE B 85 8.86 -4.93 -19.98
CA ILE B 85 8.77 -5.41 -18.60
C ILE B 85 9.67 -4.51 -17.79
N GLN B 86 9.19 -4.02 -16.64
CA GLN B 86 10.04 -3.28 -15.73
C GLN B 86 9.91 -3.91 -14.36
N LEU B 87 11.00 -4.53 -13.89
CA LEU B 87 11.01 -5.10 -12.56
C LEU B 87 11.34 -4.04 -11.52
N SER B 88 10.75 -4.17 -10.35
CA SER B 88 10.93 -3.16 -9.31
C SER B 88 10.83 -3.83 -7.95
N ALA B 89 10.84 -3.00 -6.90
CA ALA B 89 10.79 -3.47 -5.52
C ALA B 89 10.56 -2.31 -4.56
N ASP B 90 9.59 -2.43 -3.64
CA ASP B 90 9.41 -1.40 -2.63
C ASP B 90 10.66 -1.35 -1.74
N PRO B 91 11.30 -0.19 -1.59
CA PRO B 91 12.59 -0.14 -0.87
C PRO B 91 12.45 -0.33 0.63
N ASP B 92 11.23 -0.19 1.13
CA ASP B 92 10.89 -0.23 2.52
C ASP B 92 10.68 -1.68 2.98
N SER B 93 9.80 -2.40 2.28
CA SER B 93 9.42 -3.76 2.57
C SER B 93 10.12 -4.79 1.68
N ASP B 94 10.85 -4.35 0.66
CA ASP B 94 11.50 -5.23 -0.30
C ASP B 94 10.52 -6.09 -1.06
N GLU B 95 9.25 -5.66 -1.19
CA GLU B 95 8.27 -6.45 -1.97
C GLU B 95 8.53 -6.25 -3.45
N VAL B 96 8.63 -7.33 -4.17
CA VAL B 96 8.94 -7.29 -5.59
C VAL B 96 7.66 -7.20 -6.40
N TYR B 97 7.75 -6.58 -7.57
CA TYR B 97 6.66 -6.56 -8.52
C TYR B 97 7.21 -6.14 -9.86
N ALA B 98 6.39 -6.35 -10.89
CA ALA B 98 6.74 -5.99 -12.26
C ALA B 98 5.56 -5.29 -12.89
N THR B 99 5.91 -4.35 -13.77
CA THR B 99 4.97 -3.60 -14.61
C THR B 99 5.19 -4.06 -16.05
N LEU B 100 4.09 -4.45 -16.70
CA LEU B 100 4.09 -5.06 -18.02
C LEU B 100 3.25 -4.20 -18.95
N THR B 101 3.56 -4.22 -20.24
CA THR B 101 2.78 -3.46 -21.22
C THR B 101 2.35 -4.41 -22.35
N LEU B 102 1.06 -4.70 -22.39
CA LEU B 102 0.50 -5.61 -23.36
C LEU B 102 -0.12 -4.78 -24.48
N CYS B 103 -0.02 -5.25 -25.73
CA CYS B 103 -0.84 -4.66 -26.80
C CYS B 103 -1.65 -5.75 -27.52
N PRO B 104 -3.01 -5.72 -27.43
CA PRO B 104 -3.86 -6.73 -28.09
C PRO B 104 -3.68 -6.86 -29.59
N MET B 105 -4.05 -8.04 -30.12
CA MET B 105 -3.83 -8.35 -31.52
C MET B 105 -5.13 -8.79 -32.20
N SER B 106 -5.54 -8.06 -33.23
CA SER B 106 -6.70 -8.47 -34.02
C SER B 106 -6.40 -9.69 -34.86
N GLU B 107 -5.16 -9.80 -35.32
CA GLU B 107 -4.76 -10.87 -36.20
C GLU B 107 -5.00 -12.22 -35.56
N GLN B 108 -5.48 -13.16 -36.36
CA GLN B 108 -5.84 -14.47 -35.87
C GLN B 108 -4.65 -15.44 -35.86
N SER B 126 22.44 -18.87 -11.01
CA SER B 126 23.74 -19.48 -10.77
C SER B 126 24.21 -19.19 -9.38
N ARG B 127 24.61 -20.28 -8.72
CA ARG B 127 25.18 -20.28 -7.39
C ARG B 127 24.27 -19.48 -6.49
N SER B 128 23.36 -20.17 -5.83
CA SER B 128 22.28 -19.52 -5.11
C SER B 128 21.95 -20.28 -3.84
N PHE B 129 21.48 -19.57 -2.81
CA PHE B 129 20.99 -20.28 -1.65
C PHE B 129 20.14 -19.40 -0.74
N THR B 130 19.24 -20.09 -0.06
CA THR B 130 18.19 -19.52 0.76
C THR B 130 18.26 -20.20 2.11
N LYS B 131 17.82 -19.49 3.12
CA LYS B 131 17.58 -20.13 4.40
C LYS B 131 16.46 -19.37 5.07
N THR B 132 15.51 -20.10 5.65
CA THR B 132 14.53 -19.46 6.49
C THR B 132 15.10 -19.23 7.88
N LEU B 133 14.93 -17.99 8.37
CA LEU B 133 15.76 -17.43 9.42
C LEU B 133 15.32 -18.02 10.75
N THR B 134 16.30 -18.56 11.48
CA THR B 134 15.96 -19.09 12.78
C THR B 134 15.98 -18.01 13.84
N VAL B 135 15.34 -18.29 14.98
CA VAL B 135 15.22 -17.30 16.04
C VAL B 135 16.59 -16.96 16.60
N SER B 136 17.55 -17.89 16.48
CA SER B 136 18.94 -17.61 16.82
C SER B 136 19.51 -16.55 15.89
N ASP B 137 19.26 -16.70 14.59
CA ASP B 137 19.71 -15.71 13.62
C ASP B 137 19.07 -14.35 13.89
N THR B 138 17.74 -14.33 14.01
CA THR B 138 17.02 -13.07 14.21
C THR B 138 17.27 -12.45 15.59
N SER B 139 17.50 -13.26 16.62
CA SER B 139 17.75 -12.69 17.95
C SER B 139 19.01 -11.85 17.98
N THR B 140 18.97 -10.81 18.82
CA THR B 140 20.14 -9.95 19.00
C THR B 140 21.32 -10.69 19.65
N HIS B 141 21.04 -11.77 20.40
CA HIS B 141 22.11 -12.47 21.13
C HIS B 141 23.14 -13.06 20.19
N GLY B 142 22.68 -13.75 19.17
CA GLY B 142 23.55 -14.40 18.22
C GLY B 142 23.63 -13.66 16.89
N GLY B 143 24.65 -14.02 16.12
CA GLY B 143 24.64 -13.75 14.70
C GLY B 143 23.79 -14.78 13.99
N PHE B 144 24.23 -15.15 12.80
CA PHE B 144 23.46 -15.98 11.89
C PHE B 144 24.26 -17.24 11.65
N SER B 145 23.62 -18.38 11.78
CA SER B 145 24.30 -19.65 11.62
C SER B 145 24.02 -20.09 10.17
N VAL B 146 25.08 -20.10 9.37
CA VAL B 146 25.05 -20.40 7.94
C VAL B 146 25.09 -21.92 7.71
N PRO B 147 24.34 -22.44 6.73
CA PRO B 147 24.51 -23.86 6.38
C PRO B 147 25.90 -24.08 5.82
N ARG B 148 26.52 -25.21 6.23
CA ARG B 148 27.88 -25.49 5.78
C ARG B 148 27.95 -25.66 4.26
N ARG B 149 26.95 -26.32 3.65
CA ARG B 149 27.01 -26.49 2.19
C ARG B 149 26.94 -25.16 1.46
N ALA B 150 26.36 -24.11 2.07
CA ALA B 150 26.23 -22.83 1.33
C ALA B 150 27.55 -22.09 1.29
N ALA B 151 28.31 -22.16 2.39
CA ALA B 151 29.67 -21.64 2.41
C ALA B 151 30.52 -22.19 1.27
N ASP B 152 30.57 -23.52 1.12
CA ASP B 152 31.37 -24.13 0.07
C ASP B 152 30.84 -23.80 -1.33
N ASP B 153 29.52 -23.94 -1.54
CA ASP B 153 28.96 -23.81 -2.88
C ASP B 153 29.29 -22.45 -3.48
N CYS B 154 28.82 -21.37 -2.86
CA CYS B 154 28.82 -20.05 -3.48
C CYS B 154 29.75 -19.03 -2.83
N LEU B 155 29.85 -19.04 -1.49
CA LEU B 155 30.59 -18.00 -0.80
C LEU B 155 32.08 -18.08 -1.14
N PRO B 156 32.79 -16.97 -1.05
CA PRO B 156 34.20 -17.02 -1.41
C PRO B 156 34.95 -17.97 -0.48
N LYS B 157 35.62 -18.93 -1.09
CA LYS B 157 36.42 -19.82 -0.30
C LYS B 157 37.39 -18.98 0.51
N LEU B 158 37.54 -19.36 1.76
CA LEU B 158 38.23 -18.57 2.75
C LEU B 158 39.51 -19.27 3.20
N ASP B 159 40.51 -18.50 3.64
CA ASP B 159 41.81 -19.09 3.97
C ASP B 159 41.78 -19.71 5.36
N MET B 160 41.98 -21.02 5.44
CA MET B 160 41.99 -21.68 6.72
C MET B 160 43.38 -21.74 7.30
N SER B 161 44.38 -21.24 6.57
CA SER B 161 45.70 -21.13 7.15
C SER B 161 45.65 -20.30 8.41
N LEU B 162 44.83 -19.22 8.40
CA LEU B 162 44.73 -18.30 9.53
C LEU B 162 43.77 -18.84 10.60
N ASN B 163 44.25 -18.83 11.86
CA ASN B 163 43.63 -19.57 12.96
C ASN B 163 42.16 -19.25 13.22
N PRO B 164 41.72 -18.00 13.27
CA PRO B 164 40.27 -17.77 13.22
C PRO B 164 39.90 -17.36 11.82
N PRO B 165 39.59 -18.32 10.96
CA PRO B 165 39.35 -17.98 9.56
C PRO B 165 38.16 -17.04 9.44
N ASN B 166 38.39 -15.89 8.81
CA ASN B 166 37.35 -14.86 8.75
C ASN B 166 37.57 -14.04 7.50
N GLN B 167 36.53 -13.37 7.04
CA GLN B 167 36.72 -12.56 5.85
C GLN B 167 35.64 -11.52 5.81
N GLU B 168 36.02 -10.31 5.37
CA GLU B 168 35.07 -9.24 5.15
C GLU B 168 34.25 -9.50 3.88
N LEU B 169 32.92 -9.50 4.04
CA LEU B 169 31.96 -9.70 2.95
C LEU B 169 31.06 -8.50 2.81
N VAL B 170 31.09 -7.87 1.65
CA VAL B 170 30.23 -6.74 1.34
C VAL B 170 29.25 -7.24 0.29
N ALA B 171 27.95 -7.10 0.57
CA ALA B 171 26.90 -7.62 -0.30
C ALA B 171 25.97 -6.51 -0.77
N LYS B 172 25.47 -6.63 -2.00
CA LYS B 172 24.51 -5.69 -2.56
C LYS B 172 23.11 -6.27 -2.56
N ASP B 173 22.16 -5.53 -1.98
CA ASP B 173 20.75 -5.85 -2.10
C ASP B 173 20.23 -5.29 -3.43
N LEU B 174 18.91 -5.16 -3.56
CA LEU B 174 18.28 -4.77 -4.83
C LEU B 174 18.25 -3.27 -5.09
N HIS B 175 18.63 -2.44 -4.13
CA HIS B 175 18.62 -1.01 -4.34
C HIS B 175 20.01 -0.42 -4.52
N GLY B 176 21.04 -1.27 -4.65
CA GLY B 176 22.44 -0.87 -4.73
C GLY B 176 23.13 -0.65 -3.40
N ASN B 177 22.40 -0.78 -2.29
CA ASN B 177 22.93 -0.58 -0.95
C ASN B 177 24.03 -1.61 -0.66
N GLU B 178 25.03 -1.19 0.13
CA GLU B 178 26.12 -2.07 0.53
C GLU B 178 25.87 -2.53 1.96
N TRP B 179 25.90 -3.84 2.17
CA TRP B 179 25.81 -4.42 3.51
C TRP B 179 27.09 -5.19 3.82
N ARG B 180 27.82 -4.76 4.83
CA ARG B 180 29.02 -5.48 5.16
C ARG B 180 28.71 -6.54 6.20
N PHE B 181 29.52 -7.59 6.16
CA PHE B 181 29.31 -8.78 6.97
C PHE B 181 30.67 -9.37 7.33
N ARG B 182 30.76 -9.92 8.54
CA ARG B 182 31.95 -10.64 8.94
C ARG B 182 31.57 -12.11 8.96
N HIS B 183 32.23 -12.89 8.13
CA HIS B 183 31.93 -14.31 7.94
C HIS B 183 33.06 -15.09 8.59
N ILE B 184 32.84 -15.47 9.85
CA ILE B 184 33.86 -16.15 10.65
C ILE B 184 33.56 -17.63 10.70
N PHE B 185 34.59 -18.40 11.06
CA PHE B 185 34.57 -19.85 11.06
C PHE B 185 35.11 -20.28 12.43
N ARG B 186 34.20 -20.64 13.35
CA ARG B 186 34.54 -20.85 14.75
C ARG B 186 33.48 -21.76 15.39
N GLY B 187 33.47 -21.81 16.76
CA GLY B 187 32.58 -22.68 17.49
C GLY B 187 33.23 -24.04 17.74
N GLN B 188 32.47 -24.88 18.39
CA GLN B 188 32.87 -26.28 18.60
C GLN B 188 31.58 -27.05 18.59
N PRO B 189 31.24 -27.71 17.49
CA PRO B 189 32.07 -28.03 16.33
C PRO B 189 32.17 -26.82 15.38
N LYS B 190 32.95 -27.01 14.31
CA LYS B 190 33.20 -25.99 13.31
C LYS B 190 31.88 -25.57 12.67
N ARG B 191 31.60 -24.27 12.72
CA ARG B 191 30.39 -23.67 12.15
C ARG B 191 30.76 -22.44 11.33
N HIS B 192 29.95 -22.12 10.33
CA HIS B 192 30.10 -20.87 9.60
C HIS B 192 29.13 -19.84 10.13
N LEU B 193 29.62 -18.69 10.52
CA LEU B 193 28.73 -17.75 11.19
C LEU B 193 28.84 -16.40 10.52
N LEU B 194 27.76 -15.64 10.56
CA LEU B 194 27.80 -14.22 10.22
C LEU B 194 27.65 -13.47 11.53
N THR B 195 28.60 -12.59 11.84
CA THR B 195 28.58 -11.97 13.16
C THR B 195 28.36 -10.46 13.08
N THR B 196 29.39 -9.70 12.71
CA THR B 196 29.27 -8.25 12.78
C THR B 196 28.48 -7.69 11.59
N GLY B 197 27.45 -6.90 11.88
CA GLY B 197 26.58 -6.37 10.87
C GLY B 197 25.33 -7.19 10.66
N TRP B 198 25.28 -8.40 11.21
CA TRP B 198 24.06 -9.17 11.11
C TRP B 198 22.91 -8.43 11.80
N SER B 199 23.17 -7.91 13.00
CA SER B 199 22.14 -7.21 13.76
C SER B 199 21.55 -6.03 12.98
N VAL B 200 22.38 -5.24 12.31
CA VAL B 200 21.87 -4.06 11.61
C VAL B 200 21.04 -4.47 10.41
N PHE B 201 21.47 -5.53 9.71
CA PHE B 201 20.66 -6.07 8.62
C PHE B 201 19.29 -6.51 9.13
N VAL B 202 19.24 -7.06 10.34
CA VAL B 202 18.00 -7.66 10.83
C VAL B 202 17.00 -6.58 11.24
N SER B 203 17.48 -5.44 11.73
CA SER B 203 16.56 -4.37 12.08
C SER B 203 16.17 -3.52 10.86
N GLN B 204 17.15 -2.99 10.13
CA GLN B 204 16.87 -2.15 8.97
C GLN B 204 15.93 -2.84 7.96
N LYS B 205 16.19 -4.11 7.64
CA LYS B 205 15.31 -4.80 6.70
C LYS B 205 14.10 -5.40 7.40
N ARG B 206 13.98 -5.20 8.71
CA ARG B 206 12.78 -5.56 9.47
C ARG B 206 12.50 -7.05 9.39
N LEU B 207 13.50 -7.85 9.67
CA LEU B 207 13.35 -9.30 9.57
C LEU B 207 12.93 -9.85 10.92
N VAL B 208 12.26 -11.01 10.88
CA VAL B 208 11.86 -11.78 12.07
C VAL B 208 12.16 -13.24 11.79
N ALA B 209 11.89 -14.10 12.77
CA ALA B 209 12.03 -15.53 12.49
C ALA B 209 10.96 -15.95 11.48
N GLY B 210 11.14 -17.13 10.88
CA GLY B 210 10.23 -17.51 9.81
C GLY B 210 10.49 -16.90 8.43
N ASP B 211 11.18 -15.74 8.39
CA ASP B 211 11.57 -15.11 7.14
C ASP B 211 12.72 -15.87 6.51
N ALA B 212 13.12 -15.42 5.33
CA ALA B 212 14.18 -16.08 4.62
C ALA B 212 15.12 -15.01 4.06
N VAL B 213 16.35 -15.44 3.80
CA VAL B 213 17.40 -14.59 3.31
C VAL B 213 17.93 -15.33 2.12
N LEU B 214 18.61 -14.61 1.26
CA LEU B 214 19.02 -15.19 0.00
C LEU B 214 20.39 -14.62 -0.36
N PHE B 215 21.21 -15.39 -1.08
CA PHE B 215 22.54 -14.89 -1.51
C PHE B 215 22.87 -15.47 -2.88
N LEU B 216 23.50 -14.66 -3.76
CA LEU B 216 23.88 -15.07 -5.12
C LEU B 216 25.33 -14.75 -5.47
N ARG B 217 25.92 -15.64 -6.29
CA ARG B 217 27.25 -15.43 -6.85
C ARG B 217 27.17 -15.04 -8.32
N GLY B 218 26.88 -15.98 -9.23
CA GLY B 218 26.90 -15.67 -10.64
C GLY B 218 28.32 -15.68 -11.19
N GLU B 219 28.46 -15.30 -12.48
CA GLU B 219 29.79 -15.26 -13.10
C GLU B 219 30.67 -14.14 -12.53
N ASN B 220 30.10 -12.93 -12.38
CA ASN B 220 30.89 -11.77 -11.97
C ASN B 220 31.48 -11.88 -10.57
N GLY B 221 31.14 -12.94 -9.81
CA GLY B 221 31.52 -13.07 -8.43
C GLY B 221 30.94 -12.03 -7.50
N GLN B 222 30.25 -11.03 -8.03
CA GLN B 222 29.67 -9.96 -7.23
C GLN B 222 28.52 -10.51 -6.40
N LEU B 223 28.61 -10.39 -5.08
CA LEU B 223 27.63 -11.02 -4.20
C LEU B 223 26.40 -10.13 -4.03
N ARG B 224 25.23 -10.74 -4.16
CA ARG B 224 23.95 -10.08 -4.06
C ARG B 224 23.18 -10.70 -2.90
N VAL B 225 22.44 -9.88 -2.17
CA VAL B 225 21.66 -10.32 -1.02
C VAL B 225 20.18 -9.99 -1.21
N GLY B 226 19.32 -10.86 -0.69
CA GLY B 226 17.89 -10.72 -0.89
C GLY B 226 17.11 -11.25 0.29
N VAL B 227 15.84 -10.87 0.32
CA VAL B 227 14.96 -11.18 1.43
C VAL B 227 13.61 -11.57 0.87
N ARG B 228 13.17 -12.80 1.15
CA ARG B 228 11.83 -13.25 0.79
C ARG B 228 11.07 -13.42 2.10
N ARG B 229 10.33 -12.39 2.50
CA ARG B 229 9.62 -12.40 3.76
C ARG B 229 8.56 -13.49 3.75
N ALA B 230 8.32 -14.08 4.93
CA ALA B 230 7.24 -15.02 5.08
C ALA B 230 5.90 -14.30 4.90
N PRO B 231 4.89 -15.00 4.40
CA PRO B 231 3.58 -14.36 4.19
C PRO B 231 2.86 -14.03 5.51
N ARG B 232 2.40 -12.77 5.60
CA ARG B 232 1.51 -12.31 6.66
C ARG B 232 0.15 -12.02 6.05
N GLN B 233 -0.91 -12.08 6.86
CA GLN B 233 -2.25 -11.78 6.38
C GLN B 233 -2.74 -10.39 6.77
N GLN B 234 -2.17 -9.80 7.83
CA GLN B 234 -2.56 -8.46 8.30
C GLN B 234 -1.97 -7.35 7.43
N GLN B 235 -0.86 -7.62 6.75
CA GLN B 235 -0.16 -6.58 5.98
C GLN B 235 -0.94 -6.21 4.72
N LEU B 236 -1.61 -7.19 4.10
CA LEU B 236 -2.42 -6.97 2.91
C LEU B 236 -3.76 -6.36 3.34
N GLN B 237 -3.95 -5.06 3.06
CA GLN B 237 -5.11 -4.28 3.46
C GLN B 237 -5.26 -3.12 2.46
N PRO B 238 -6.49 -2.58 2.30
CA PRO B 238 -6.78 -1.68 1.16
C PRO B 238 -6.60 -0.21 1.48
N LYS B 239 -5.91 0.52 0.60
CA LYS B 239 -5.55 1.87 0.99
C LYS B 239 -5.70 2.95 -0.06
N VAL B 240 -5.78 2.63 -1.36
CA VAL B 240 -5.95 3.63 -2.40
C VAL B 240 -7.36 3.59 -3.00
N LEU B 241 -7.89 2.38 -3.25
CA LEU B 241 -9.16 2.22 -3.92
C LEU B 241 -9.89 1.00 -3.39
N THR B 242 -11.23 1.07 -3.41
CA THR B 242 -12.01 -0.03 -2.89
C THR B 242 -11.92 -1.20 -3.86
N SER B 243 -12.29 -2.40 -3.39
CA SER B 243 -12.11 -3.58 -4.23
C SER B 243 -12.97 -3.56 -5.48
N PRO B 244 -14.28 -3.26 -5.42
CA PRO B 244 -15.03 -3.19 -6.68
C PRO B 244 -14.43 -2.20 -7.65
N THR B 245 -13.80 -1.10 -7.19
CA THR B 245 -13.24 -0.15 -8.15
C THR B 245 -12.00 -0.72 -8.85
N MET B 246 -11.13 -1.46 -8.14
CA MET B 246 -10.08 -2.22 -8.82
C MET B 246 -10.68 -3.30 -9.71
N HIS B 247 -11.57 -4.10 -9.14
CA HIS B 247 -12.18 -5.18 -9.88
C HIS B 247 -12.83 -4.72 -11.18
N ILE B 248 -13.17 -3.44 -11.34
CA ILE B 248 -13.72 -2.98 -12.59
C ILE B 248 -12.76 -2.10 -13.35
N GLY B 249 -11.79 -1.48 -12.68
CA GLY B 249 -10.75 -0.80 -13.41
C GLY B 249 -9.94 -1.78 -14.20
N VAL B 250 -9.73 -2.98 -13.64
CA VAL B 250 -9.10 -4.06 -14.38
C VAL B 250 -9.89 -4.36 -15.65
N LEU B 251 -11.17 -4.68 -15.50
CA LEU B 251 -11.99 -5.00 -16.68
C LEU B 251 -12.15 -3.80 -17.59
N ALA B 252 -12.31 -2.61 -17.04
CA ALA B 252 -12.44 -1.45 -17.90
C ALA B 252 -11.20 -1.34 -18.79
N ALA B 253 -10.01 -1.36 -18.17
CA ALA B 253 -8.75 -1.22 -18.91
C ALA B 253 -8.65 -2.26 -20.01
N ALA B 254 -8.69 -3.54 -19.64
CA ALA B 254 -8.62 -4.58 -20.64
C ALA B 254 -9.69 -4.39 -21.73
N ALA B 255 -10.92 -4.09 -21.33
CA ALA B 255 -12.01 -4.00 -22.30
C ALA B 255 -11.73 -2.94 -23.37
N HIS B 256 -11.32 -1.74 -22.96
CA HIS B 256 -11.06 -0.66 -23.90
C HIS B 256 -9.87 -0.97 -24.79
N ALA B 257 -8.73 -1.26 -24.18
CA ALA B 257 -7.49 -1.52 -24.92
C ALA B 257 -7.58 -2.71 -25.85
N ALA B 258 -8.65 -3.51 -25.79
CA ALA B 258 -8.84 -4.64 -26.69
C ALA B 258 -9.72 -4.32 -27.89
N THR B 259 -10.80 -3.56 -27.69
CA THR B 259 -11.59 -3.09 -28.81
C THR B 259 -10.83 -2.06 -29.64
N GLU B 260 -9.83 -1.40 -29.06
CA GLU B 260 -9.06 -0.37 -29.75
C GLU B 260 -7.75 -0.88 -30.29
N LYS B 261 -7.23 -1.97 -29.75
CA LYS B 261 -5.87 -2.45 -30.02
C LYS B 261 -4.80 -1.44 -29.60
N SER B 262 -5.01 -0.76 -28.47
CA SER B 262 -4.02 0.17 -27.92
C SER B 262 -3.34 -0.46 -26.70
N ARG B 263 -2.08 -0.05 -26.48
CA ARG B 263 -1.30 -0.61 -25.38
C ARG B 263 -1.95 -0.28 -24.05
N PHE B 264 -1.74 -1.20 -23.10
CA PHE B 264 -2.17 -1.00 -21.72
C PHE B 264 -1.10 -1.63 -20.83
N SER B 265 -1.10 -1.20 -19.56
CA SER B 265 -0.09 -1.59 -18.58
C SER B 265 -0.75 -2.39 -17.46
N LEU B 266 0.05 -3.15 -16.73
CA LEU B 266 -0.52 -3.91 -15.63
C LEU B 266 0.60 -4.27 -14.67
N ILE B 267 0.20 -4.75 -13.48
CA ILE B 267 1.13 -5.02 -12.39
C ILE B 267 1.09 -6.49 -12.02
N TYR B 268 2.26 -7.09 -12.01
CA TYR B 268 2.47 -8.44 -11.54
C TYR B 268 3.05 -8.35 -10.14
N ASN B 269 2.37 -8.97 -9.18
CA ASN B 269 2.85 -9.04 -7.81
C ASN B 269 3.03 -10.52 -7.49
N PRO B 270 4.21 -11.09 -7.78
CA PRO B 270 4.30 -12.56 -7.87
C PRO B 270 4.20 -13.24 -6.54
N ARG B 271 4.58 -12.55 -5.47
CA ARG B 271 4.46 -13.18 -4.18
C ARG B 271 3.00 -13.38 -3.82
N SER B 272 2.17 -12.37 -4.09
CA SER B 272 0.72 -12.42 -3.83
C SER B 272 -0.08 -12.93 -5.04
N CYS B 273 0.53 -13.67 -5.95
CA CYS B 273 -0.13 -14.15 -7.14
C CYS B 273 -0.22 -15.67 -7.12
N PRO B 274 -1.44 -16.25 -7.28
CA PRO B 274 -1.62 -17.70 -7.13
C PRO B 274 -1.01 -18.48 -8.28
N SER B 275 -1.39 -18.13 -9.49
CA SER B 275 -0.82 -18.70 -10.69
C SER B 275 -0.71 -17.56 -11.70
N GLU B 276 0.29 -17.62 -12.58
CA GLU B 276 0.50 -16.52 -13.51
C GLU B 276 -0.71 -16.36 -14.39
N PHE B 277 -0.98 -15.12 -14.78
CA PHE B 277 -2.06 -14.81 -15.71
C PHE B 277 -1.59 -14.23 -17.03
N VAL B 278 -0.28 -14.03 -17.22
CA VAL B 278 0.29 -13.73 -18.54
C VAL B 278 1.30 -14.81 -18.87
N ILE B 279 0.93 -15.66 -19.83
CA ILE B 279 1.73 -16.80 -20.20
C ILE B 279 1.87 -16.86 -21.72
N PRO B 280 3.00 -17.40 -22.19
CA PRO B 280 3.25 -17.59 -23.63
C PRO B 280 2.04 -17.98 -24.46
N TYR B 281 1.73 -17.29 -25.56
CA TYR B 281 0.57 -17.75 -26.32
C TYR B 281 0.78 -19.16 -26.84
N SER B 282 2.04 -19.58 -26.99
CA SER B 282 2.35 -20.95 -27.34
C SER B 282 1.73 -21.92 -26.32
N LYS B 283 2.16 -21.81 -25.05
CA LYS B 283 1.67 -22.65 -23.96
C LYS B 283 0.13 -22.73 -23.93
N TYR B 284 -0.55 -21.60 -23.79
CA TYR B 284 -2.03 -21.57 -23.87
C TYR B 284 -2.53 -22.40 -25.04
N LEU B 285 -2.04 -22.10 -26.25
CA LEU B 285 -2.61 -22.78 -27.40
C LEU B 285 -2.25 -24.26 -27.41
N LYS B 286 -1.08 -24.63 -26.89
CA LYS B 286 -0.79 -26.05 -26.85
C LYS B 286 -1.65 -26.79 -25.84
N ALA B 287 -2.01 -26.15 -24.74
CA ALA B 287 -2.90 -26.83 -23.80
C ALA B 287 -4.33 -26.84 -24.32
N VAL B 288 -4.84 -25.69 -24.78
CA VAL B 288 -6.23 -25.62 -25.24
C VAL B 288 -6.53 -26.71 -26.25
N LYS B 289 -5.69 -26.80 -27.29
CA LYS B 289 -5.85 -27.81 -28.33
C LYS B 289 -5.82 -29.23 -27.74
N SER B 290 -5.00 -29.43 -26.71
CA SER B 290 -4.84 -30.75 -26.09
C SER B 290 -6.16 -31.22 -25.45
N ASN B 291 -6.40 -32.53 -25.53
CA ASN B 291 -7.56 -33.15 -24.90
C ASN B 291 -7.08 -33.77 -23.59
N PHE B 292 -7.40 -33.11 -22.48
CA PHE B 292 -7.32 -33.76 -21.19
C PHE B 292 -8.63 -34.50 -20.98
N ASN B 293 -8.53 -35.72 -20.49
CA ASN B 293 -9.72 -36.47 -20.17
C ASN B 293 -9.57 -37.02 -18.76
N VAL B 294 -10.71 -37.32 -18.15
CA VAL B 294 -10.76 -37.59 -16.72
C VAL B 294 -10.14 -38.96 -16.43
N GLY B 295 -9.55 -39.08 -15.25
CA GLY B 295 -8.81 -40.27 -14.91
C GLY B 295 -7.37 -40.23 -15.36
N GLN B 296 -6.95 -39.18 -16.08
CA GLN B 296 -5.57 -38.99 -16.48
C GLN B 296 -4.74 -38.55 -15.28
N ARG B 297 -3.49 -39.00 -15.21
CA ARG B 297 -2.58 -38.61 -14.14
C ARG B 297 -1.64 -37.50 -14.61
N PHE B 298 -1.18 -36.67 -13.65
CA PHE B 298 -0.47 -35.43 -13.96
C PHE B 298 0.49 -35.01 -12.85
N LYS B 299 1.37 -34.05 -13.17
CA LYS B 299 2.32 -33.45 -12.22
C LYS B 299 2.26 -31.93 -12.30
N MET B 300 2.81 -31.27 -11.28
CA MET B 300 2.73 -29.81 -11.16
C MET B 300 3.90 -29.26 -10.33
N LYS B 301 4.37 -28.06 -10.69
CA LYS B 301 5.59 -27.44 -10.15
C LYS B 301 5.28 -26.50 -8.97
N PHE B 302 5.09 -27.07 -7.77
CA PHE B 302 4.94 -26.20 -6.59
C PHE B 302 6.33 -25.70 -6.13
N GLU B 303 6.39 -25.05 -4.95
CA GLU B 303 7.49 -24.12 -4.59
C GLU B 303 8.74 -24.73 -3.94
N SER B 304 8.66 -25.05 -2.64
CA SER B 304 9.72 -25.64 -1.78
C SER B 304 10.50 -24.57 -1.00
N PRO B 307 14.92 -25.52 -3.46
CA PRO B 307 16.18 -26.24 -3.70
C PRO B 307 15.98 -27.61 -4.36
N SER B 308 15.10 -28.49 -3.84
CA SER B 308 14.87 -29.77 -4.48
C SER B 308 13.82 -29.72 -5.60
N ASP B 309 13.09 -28.61 -5.74
CA ASP B 309 12.07 -28.41 -6.78
C ASP B 309 11.08 -29.57 -6.87
N ARG B 310 10.51 -29.92 -5.72
CA ARG B 310 9.63 -31.08 -5.64
C ARG B 310 8.25 -30.76 -6.20
N ARG B 311 7.73 -31.71 -6.95
CA ARG B 311 6.44 -31.59 -7.61
C ARG B 311 5.47 -32.63 -7.05
N HIS B 312 4.24 -32.19 -6.78
CA HIS B 312 3.19 -33.08 -6.31
C HIS B 312 2.41 -33.66 -7.49
N THR B 313 1.60 -34.67 -7.20
CA THR B 313 0.90 -35.40 -8.24
C THR B 313 -0.52 -35.77 -7.79
N GLY B 314 -1.35 -36.05 -8.77
CA GLY B 314 -2.76 -36.33 -8.56
C GLY B 314 -3.43 -36.80 -9.83
N THR B 315 -4.77 -36.94 -9.76
CA THR B 315 -5.60 -37.36 -10.88
C THR B 315 -6.71 -36.34 -11.13
N ILE B 316 -7.20 -36.30 -12.37
CA ILE B 316 -8.21 -35.34 -12.81
C ILE B 316 -9.59 -35.83 -12.35
N THR B 317 -10.21 -35.07 -11.43
CA THR B 317 -11.57 -35.36 -10.98
C THR B 317 -12.60 -35.05 -12.05
N GLY B 318 -12.45 -33.93 -12.72
CA GLY B 318 -13.43 -33.55 -13.73
C GLY B 318 -12.93 -32.37 -14.54
N ILE B 319 -13.76 -31.99 -15.51
CA ILE B 319 -13.46 -30.92 -16.46
C ILE B 319 -14.71 -30.07 -16.64
N CYS B 320 -14.68 -28.82 -16.21
CA CYS B 320 -15.88 -28.03 -16.27
C CYS B 320 -15.51 -26.57 -16.41
N ASP B 321 -16.39 -25.86 -17.08
CA ASP B 321 -16.32 -24.41 -17.07
C ASP B 321 -16.30 -23.93 -15.63
N PHE B 322 -15.16 -23.40 -15.18
CA PHE B 322 -14.96 -23.12 -13.76
C PHE B 322 -15.98 -22.12 -13.22
N ASP B 323 -16.10 -20.97 -13.86
CA ASP B 323 -17.07 -19.93 -13.49
C ASP B 323 -17.92 -19.61 -14.72
N PRO B 324 -18.94 -20.42 -15.03
CA PRO B 324 -19.66 -20.22 -16.30
C PRO B 324 -20.45 -18.92 -16.37
N ALA B 325 -20.89 -18.37 -15.23
CA ALA B 325 -21.74 -17.18 -15.29
C ALA B 325 -20.96 -15.95 -15.75
N ARG B 326 -19.85 -15.64 -15.08
CA ARG B 326 -19.08 -14.45 -15.42
C ARG B 326 -18.25 -14.68 -16.69
N TRP B 327 -17.66 -15.87 -16.79
CA TRP B 327 -16.69 -16.26 -17.82
C TRP B 327 -17.09 -17.58 -18.46
N PRO B 328 -17.92 -17.54 -19.49
CA PRO B 328 -18.37 -18.79 -20.11
C PRO B 328 -17.33 -19.37 -21.04
N GLY B 329 -17.24 -20.71 -21.05
CA GLY B 329 -16.42 -21.44 -22.01
C GLY B 329 -14.93 -21.27 -21.84
N SER B 330 -14.48 -20.72 -20.72
CA SER B 330 -13.07 -20.42 -20.52
C SER B 330 -12.30 -21.65 -20.12
N GLU B 331 -11.01 -21.61 -20.34
CA GLU B 331 -10.15 -22.67 -19.88
C GLU B 331 -9.48 -22.34 -18.57
N TRP B 332 -9.81 -21.20 -17.97
CA TRP B 332 -9.23 -20.80 -16.70
C TRP B 332 -9.69 -21.77 -15.63
N ARG B 333 -8.72 -22.40 -14.94
CA ARG B 333 -8.98 -23.37 -13.88
C ARG B 333 -10.14 -24.31 -14.22
N SER B 334 -10.26 -24.71 -15.48
CA SER B 334 -11.39 -25.53 -15.87
C SER B 334 -11.22 -27.01 -15.54
N LEU B 335 -10.11 -27.42 -14.91
CA LEU B 335 -9.87 -28.82 -14.54
C LEU B 335 -10.04 -29.00 -13.04
N GLN B 336 -10.82 -30.00 -12.67
CA GLN B 336 -10.97 -30.41 -11.28
C GLN B 336 -10.00 -31.56 -11.07
N VAL B 337 -9.11 -31.42 -10.09
CA VAL B 337 -8.08 -32.42 -9.84
C VAL B 337 -8.07 -32.73 -8.34
N ASN B 338 -7.75 -33.98 -8.01
CA ASN B 338 -7.69 -34.40 -6.62
C ASN B 338 -6.30 -34.93 -6.35
N TRP B 339 -5.61 -34.31 -5.40
CA TRP B 339 -4.23 -34.65 -5.15
C TRP B 339 -4.08 -36.01 -4.51
N ASP B 340 -3.01 -36.72 -4.88
CA ASP B 340 -2.70 -37.91 -4.12
C ASP B 340 -1.98 -37.52 -2.85
N GLU B 341 -1.27 -36.41 -2.91
CA GLU B 341 -0.57 -35.90 -1.75
C GLU B 341 -1.39 -34.72 -1.20
N SER B 342 -2.56 -35.06 -0.67
CA SER B 342 -3.36 -34.06 0.04
C SER B 342 -2.75 -33.84 1.42
N SER B 343 -1.45 -33.50 1.39
CA SER B 343 -0.62 -33.33 2.58
C SER B 343 -1.05 -32.09 3.34
N SER B 344 -0.35 -30.98 3.10
CA SER B 344 -0.66 -29.71 3.75
C SER B 344 -2.02 -29.19 3.27
N SER B 345 -2.89 -30.09 2.80
CA SER B 345 -4.26 -29.81 2.31
C SER B 345 -4.34 -28.45 1.63
N GLU B 346 -3.43 -28.26 0.67
CA GLU B 346 -3.40 -27.00 -0.07
C GLU B 346 -4.69 -26.84 -0.87
N ARG B 347 -5.39 -27.95 -1.13
CA ARG B 347 -6.71 -27.99 -1.77
C ARG B 347 -6.80 -27.06 -2.98
N GLN B 348 -5.72 -26.96 -3.75
CA GLN B 348 -5.79 -26.24 -5.03
C GLN B 348 -6.40 -27.19 -6.05
N GLU B 349 -7.68 -27.51 -5.81
CA GLU B 349 -8.38 -28.58 -6.51
C GLU B 349 -8.79 -28.19 -7.93
N ARG B 350 -8.92 -26.89 -8.26
CA ARG B 350 -9.23 -26.49 -9.63
C ARG B 350 -8.02 -25.74 -10.23
N VAL B 351 -7.53 -26.24 -11.38
CA VAL B 351 -6.29 -25.75 -12.02
C VAL B 351 -6.49 -25.69 -13.54
N SER B 352 -5.46 -24.99 -14.28
CA SER B 352 -5.60 -24.71 -15.71
C SER B 352 -4.74 -25.67 -16.52
N PRO B 353 -5.18 -26.02 -17.74
CA PRO B 353 -4.55 -27.16 -18.47
C PRO B 353 -3.06 -26.97 -18.80
N TRP B 354 -2.57 -25.73 -18.87
CA TRP B 354 -1.17 -25.43 -19.11
C TRP B 354 -0.33 -25.39 -17.84
N GLU B 355 -0.93 -25.67 -16.67
CA GLU B 355 -0.18 -25.71 -15.43
C GLU B 355 0.26 -27.12 -15.10
N VAL B 356 -0.23 -28.11 -15.87
CA VAL B 356 -0.11 -29.52 -15.54
C VAL B 356 0.50 -30.26 -16.72
N GLU B 357 1.33 -31.23 -16.37
CA GLU B 357 1.96 -32.11 -17.34
C GLU B 357 1.38 -33.49 -17.13
N PRO B 358 0.88 -34.16 -18.16
CA PRO B 358 0.48 -35.56 -18.00
C PRO B 358 1.60 -36.41 -17.40
N GLY B 359 1.25 -37.21 -16.38
CA GLY B 359 2.23 -37.63 -15.38
C GLY B 359 2.80 -39.02 -15.52
N ASN B 360 3.93 -39.07 -16.22
CA ASN B 360 4.73 -40.26 -16.40
C ASN B 360 6.19 -39.81 -16.35
N SER B 361 7.03 -40.58 -15.66
CA SER B 361 8.44 -40.24 -15.50
C SER B 361 8.61 -38.86 -14.87
#